data_2JAH
#
_entry.id   2JAH
#
_cell.length_a   58.748
_cell.length_b   122.626
_cell.length_c   126.594
_cell.angle_alpha   90.00
_cell.angle_beta   90.00
_cell.angle_gamma   90.00
#
_symmetry.space_group_name_H-M   'P 21 21 21'
#
loop_
_entity.id
_entity.type
_entity.pdbx_description
1 polymer 'CLAVULANIC ACID DEHYDROGENASE'
2 non-polymer 'NADPH DIHYDRO-NICOTINAMIDE-ADENINE-DINUCLEOTIDE PHOSPHATE'
3 water water
#
_entity_poly.entity_id   1
_entity_poly.type   'polypeptide(L)'
_entity_poly.pdbx_seq_one_letter_code
;(MSE)PSALQGKVALITGASSGIGEATARALAAEGAAVAIAARRVEKLRALGDELTAAGAKVHVLELDVADRQGVDAAVA
STVEALGGLDILVNNAGI(MSE)LLGPVEDADTTDWTR(MSE)IDTNLLGL(MSE)Y(MSE)TRAALPHLLRSKGTVVQ
(MSE)SSIAGRVNVRNAAVYQATKFGVNAFSETLRQEVTERGVRVVVIEPGTTDTELRGHITHTATKE(MSE)YEQRISQ
IRKLQAQDIAEAVRYAVTAPHHATVHEIFIRPTDQV
;
_entity_poly.pdbx_strand_id   A,B,C,D
#
loop_
_chem_comp.id
_chem_comp.type
_chem_comp.name
_chem_comp.formula
NDP non-polymer 'NADPH DIHYDRO-NICOTINAMIDE-ADENINE-DINUCLEOTIDE PHOSPHATE' 'C21 H30 N7 O17 P3'
#
# COMPACT_ATOMS: atom_id res chain seq x y z
N SER A 3 22.66 -28.40 -8.66
CA SER A 3 21.65 -28.46 -9.77
C SER A 3 20.25 -28.63 -9.19
N ALA A 4 19.74 -27.55 -8.59
CA ALA A 4 18.45 -27.58 -7.90
C ALA A 4 17.25 -27.72 -8.84
N LEU A 5 17.48 -27.45 -10.12
CA LEU A 5 16.39 -27.44 -11.11
C LEU A 5 16.59 -28.49 -12.20
N GLN A 6 17.37 -29.53 -11.90
CA GLN A 6 17.61 -30.61 -12.86
C GLN A 6 16.27 -31.15 -13.36
N GLY A 7 16.14 -31.28 -14.68
CA GLY A 7 14.92 -31.83 -15.27
C GLY A 7 13.76 -30.85 -15.45
N LYS A 8 13.92 -29.63 -14.93
CA LYS A 8 12.84 -28.62 -15.02
C LYS A 8 12.98 -27.78 -16.29
N VAL A 9 11.86 -27.19 -16.72
CA VAL A 9 11.84 -26.38 -17.93
C VAL A 9 11.42 -24.96 -17.57
N ALA A 10 12.25 -23.99 -17.97
CA ALA A 10 11.94 -22.58 -17.76
C ALA A 10 11.78 -21.84 -19.07
N LEU A 11 10.75 -21.02 -19.16
CA LEU A 11 10.56 -20.13 -20.31
C LEU A 11 10.80 -18.70 -19.84
N ILE A 12 11.73 -18.02 -20.46
CA ILE A 12 12.11 -16.67 -20.02
C ILE A 12 11.86 -15.68 -21.15
N THR A 13 10.97 -14.71 -20.93
CA THR A 13 10.71 -13.70 -21.94
C THR A 13 11.68 -12.55 -21.68
N GLY A 14 11.99 -11.76 -22.72
CA GLY A 14 12.99 -10.71 -22.61
C GLY A 14 14.37 -11.26 -22.28
N ALA A 15 14.75 -12.34 -22.96
CA ALA A 15 15.98 -13.05 -22.62
C ALA A 15 17.19 -12.60 -23.43
N SER A 16 16.96 -11.64 -24.35
CA SER A 16 18.00 -11.23 -25.29
C SER A 16 19.01 -10.27 -24.68
N SER A 17 18.63 -9.63 -23.57
CA SER A 17 19.56 -8.77 -22.81
C SER A 17 19.15 -8.67 -21.35
N GLY A 18 19.90 -7.88 -20.59
CA GLY A 18 19.55 -7.47 -19.25
C GLY A 18 19.29 -8.58 -18.25
N ILE A 19 18.27 -8.33 -17.42
CA ILE A 19 17.85 -9.26 -16.38
C ILE A 19 17.41 -10.62 -16.93
N GLY A 20 16.73 -10.61 -18.07
CA GLY A 20 16.27 -11.86 -18.71
C GLY A 20 17.43 -12.76 -19.11
N GLU A 21 18.44 -12.17 -19.73
CA GLU A 21 19.66 -12.91 -20.10
C GLU A 21 20.35 -13.52 -18.87
N ALA A 22 20.54 -12.72 -17.82
CA ALA A 22 21.20 -13.22 -16.61
C ALA A 22 20.36 -14.30 -15.93
N THR A 23 19.05 -14.13 -15.98
CA THR A 23 18.10 -15.12 -15.43
C THR A 23 18.14 -16.45 -16.21
N ALA A 24 18.14 -16.39 -17.53
CA ALA A 24 18.33 -17.60 -18.36
C ALA A 24 19.60 -18.33 -17.96
N ARG A 25 20.70 -17.59 -17.85
CA ARG A 25 21.98 -18.14 -17.46
C ARG A 25 21.93 -18.79 -16.06
N ALA A 26 21.35 -18.09 -15.09
CA ALA A 26 21.27 -18.60 -13.72
C ALA A 26 20.43 -19.89 -13.65
N LEU A 27 19.29 -19.89 -14.33
CA LEU A 27 18.42 -21.10 -14.35
C LEU A 27 19.09 -22.27 -15.07
N ALA A 28 19.75 -21.97 -16.19
CA ALA A 28 20.50 -23.02 -16.91
C ALA A 28 21.59 -23.62 -16.03
N ALA A 29 22.30 -22.76 -15.28
CA ALA A 29 23.35 -23.19 -14.34
C ALA A 29 22.79 -24.12 -13.25
N GLU A 30 21.52 -23.95 -12.93
CA GLU A 30 20.81 -24.81 -11.97
C GLU A 30 20.26 -26.10 -12.59
N GLY A 31 20.51 -26.30 -13.89
CA GLY A 31 20.15 -27.53 -14.59
C GLY A 31 18.82 -27.50 -15.32
N ALA A 32 18.14 -26.36 -15.31
CA ALA A 32 16.90 -26.21 -16.06
C ALA A 32 17.19 -26.15 -17.56
N ALA A 33 16.34 -26.81 -18.35
CA ALA A 33 16.23 -26.53 -19.79
C ALA A 33 15.59 -25.16 -19.96
N VAL A 34 16.17 -24.32 -20.82
CA VAL A 34 15.65 -22.97 -20.95
C VAL A 34 15.09 -22.65 -22.35
N ALA A 35 13.87 -22.12 -22.38
CA ALA A 35 13.32 -21.56 -23.60
C ALA A 35 13.48 -20.05 -23.48
N ILE A 36 14.23 -19.48 -24.41
CA ILE A 36 14.57 -18.06 -24.32
C ILE A 36 13.85 -17.32 -25.44
N ALA A 37 13.13 -16.28 -25.06
CA ALA A 37 12.24 -15.58 -25.97
C ALA A 37 12.46 -14.08 -25.97
N ALA A 38 12.42 -13.50 -27.17
CA ALA A 38 12.58 -12.06 -27.39
C ALA A 38 12.39 -11.81 -28.88
N ARG A 39 12.40 -10.53 -29.26
CA ARG A 39 12.27 -10.14 -30.67
C ARG A 39 13.59 -10.22 -31.44
N ARG A 40 14.71 -9.91 -30.78
CA ARG A 40 16.03 -9.95 -31.44
C ARG A 40 16.55 -11.38 -31.54
N VAL A 41 16.24 -12.01 -32.68
CA VAL A 41 16.53 -13.42 -32.88
C VAL A 41 18.02 -13.69 -32.75
N GLU A 42 18.83 -12.79 -33.32
CA GLU A 42 20.28 -12.92 -33.35
C GLU A 42 20.93 -12.95 -31.97
N LYS A 43 20.47 -12.06 -31.09
CA LYS A 43 20.89 -12.05 -29.68
C LYS A 43 20.58 -13.35 -28.95
N LEU A 44 19.37 -13.85 -29.15
CA LEU A 44 18.95 -15.11 -28.54
C LEU A 44 19.79 -16.30 -29.02
N ARG A 45 20.04 -16.37 -30.33
CA ARG A 45 20.86 -17.45 -30.90
C ARG A 45 22.29 -17.43 -30.34
N ALA A 46 22.83 -16.21 -30.15
CA ALA A 46 24.16 -16.04 -29.58
C ALA A 46 24.19 -16.53 -28.14
N LEU A 47 23.21 -16.10 -27.34
CA LEU A 47 23.06 -16.57 -25.96
C LEU A 47 22.83 -18.08 -25.97
N GLY A 48 21.95 -18.52 -26.86
CA GLY A 48 21.60 -19.93 -27.01
C GLY A 48 22.81 -20.80 -27.29
N ASP A 49 23.69 -20.35 -28.19
CA ASP A 49 24.93 -21.05 -28.52
C ASP A 49 25.85 -21.19 -27.32
N GLU A 50 25.98 -20.09 -26.57
CA GLU A 50 26.84 -20.03 -25.40
C GLU A 50 26.36 -21.01 -24.31
N LEU A 51 25.06 -21.01 -24.07
CA LEU A 51 24.47 -21.90 -23.07
C LEU A 51 24.57 -23.37 -23.48
N THR A 52 24.24 -23.65 -24.75
CA THR A 52 24.35 -25.00 -25.28
C THR A 52 25.80 -25.51 -25.20
N ALA A 53 26.75 -24.65 -25.53
CA ALA A 53 28.18 -25.01 -25.49
C ALA A 53 28.63 -25.36 -24.07
N ALA A 54 27.95 -24.77 -23.09
CA ALA A 54 28.19 -25.01 -21.67
C ALA A 54 27.39 -26.19 -21.11
N GLY A 55 26.65 -26.87 -21.98
CA GLY A 55 25.94 -28.09 -21.61
C GLY A 55 24.45 -27.96 -21.36
N ALA A 56 23.90 -26.76 -21.56
CA ALA A 56 22.47 -26.53 -21.37
C ALA A 56 21.60 -27.00 -22.54
N LYS A 57 20.33 -27.27 -22.25
CA LYS A 57 19.33 -27.56 -23.28
C LYS A 57 18.57 -26.28 -23.53
N VAL A 58 18.63 -25.78 -24.76
CA VAL A 58 18.08 -24.46 -25.09
C VAL A 58 17.02 -24.57 -26.19
N HIS A 59 15.96 -23.79 -26.05
CA HIS A 59 14.96 -23.63 -27.12
C HIS A 59 14.80 -22.15 -27.41
N VAL A 60 15.19 -21.73 -28.60
CA VAL A 60 15.11 -20.32 -29.03
C VAL A 60 13.74 -19.97 -29.62
N LEU A 61 13.14 -18.89 -29.11
CA LEU A 61 11.84 -18.42 -29.59
C LEU A 61 11.89 -16.95 -30.00
N GLU A 62 11.64 -16.66 -31.28
CA GLU A 62 11.37 -15.28 -31.69
C GLU A 62 9.92 -14.93 -31.32
N LEU A 63 9.75 -13.97 -30.43
CA LEU A 63 8.43 -13.68 -29.86
C LEU A 63 8.22 -12.21 -29.54
N ASP A 64 7.05 -11.70 -29.90
CA ASP A 64 6.57 -10.42 -29.40
C ASP A 64 5.44 -10.73 -28.44
N VAL A 65 5.67 -10.48 -27.15
CA VAL A 65 4.72 -10.85 -26.08
C VAL A 65 3.36 -10.15 -26.20
N ALA A 66 3.33 -9.05 -26.93
CA ALA A 66 2.09 -8.30 -27.14
C ALA A 66 1.14 -8.98 -28.14
N ASP A 67 1.65 -10.00 -28.85
CA ASP A 67 0.88 -10.71 -29.86
C ASP A 67 0.27 -11.98 -29.25
N ARG A 68 -1.04 -11.92 -28.99
CA ARG A 68 -1.77 -13.02 -28.34
C ARG A 68 -1.57 -14.38 -29.01
N GLN A 69 -1.74 -14.43 -30.34
CA GLN A 69 -1.55 -15.66 -31.09
C GLN A 69 -0.08 -16.11 -31.04
N GLY A 70 0.84 -15.15 -31.16
CA GLY A 70 2.28 -15.43 -31.06
C GLY A 70 2.65 -16.04 -29.72
N VAL A 71 2.02 -15.53 -28.65
CA VAL A 71 2.22 -16.05 -27.31
C VAL A 71 1.79 -17.53 -27.18
N ASP A 72 0.59 -17.84 -27.68
CA ASP A 72 0.08 -19.22 -27.69
C ASP A 72 1.04 -20.18 -28.37
N ALA A 73 1.53 -19.78 -29.55
CA ALA A 73 2.45 -20.60 -30.33
C ALA A 73 3.79 -20.81 -29.63
N ALA A 74 4.29 -19.77 -28.95
CA ALA A 74 5.55 -19.84 -28.17
C ALA A 74 5.47 -20.84 -27.01
N VAL A 75 4.35 -20.80 -26.28
CA VAL A 75 4.13 -21.77 -25.20
C VAL A 75 4.02 -23.18 -25.77
N ALA A 76 3.26 -23.35 -26.85
CA ALA A 76 3.12 -24.64 -27.52
C ALA A 76 4.49 -25.16 -27.97
N SER A 77 5.28 -24.29 -28.60
CA SER A 77 6.61 -24.66 -29.10
C SER A 77 7.55 -25.13 -27.98
N THR A 78 7.55 -24.40 -26.87
CA THR A 78 8.34 -24.72 -25.69
C THR A 78 8.02 -26.12 -25.16
N VAL A 79 6.73 -26.41 -25.01
CA VAL A 79 6.30 -27.68 -24.45
C VAL A 79 6.63 -28.84 -25.40
N GLU A 80 6.47 -28.59 -26.70
CA GLU A 80 6.86 -29.59 -27.73
C GLU A 80 8.36 -29.90 -27.69
N ALA A 81 9.19 -28.86 -27.59
CA ALA A 81 10.63 -29.03 -27.67
C ALA A 81 11.25 -29.54 -26.36
N LEU A 82 10.72 -29.08 -25.24
CA LEU A 82 11.34 -29.33 -23.94
C LEU A 82 10.51 -30.24 -23.06
N GLY A 83 9.29 -30.56 -23.49
CA GLY A 83 8.49 -31.62 -22.85
C GLY A 83 7.55 -31.20 -21.75
N GLY A 84 7.58 -29.90 -21.39
CA GLY A 84 6.75 -29.38 -20.32
C GLY A 84 7.09 -27.93 -20.00
N LEU A 85 6.51 -27.40 -18.92
CA LEU A 85 6.82 -26.06 -18.44
C LEU A 85 6.66 -26.01 -16.92
N ASP A 86 7.76 -25.71 -16.23
CA ASP A 86 7.81 -25.71 -14.79
C ASP A 86 7.95 -24.29 -14.22
N ILE A 87 8.61 -23.42 -14.98
CA ILE A 87 8.86 -22.04 -14.55
C ILE A 87 8.64 -21.10 -15.73
N LEU A 88 7.82 -20.08 -15.52
CA LEU A 88 7.69 -19.00 -16.47
C LEU A 88 8.27 -17.72 -15.85
N VAL A 89 9.15 -17.06 -16.59
CA VAL A 89 9.65 -15.76 -16.17
C VAL A 89 9.18 -14.67 -17.14
N ASN A 90 8.20 -13.87 -16.69
CA ASN A 90 7.64 -12.77 -17.49
C ASN A 90 8.50 -11.53 -17.29
N ASN A 91 9.58 -11.45 -18.05
CA ASN A 91 10.56 -10.41 -17.90
C ASN A 91 10.53 -9.35 -19.02
N ALA A 92 10.03 -9.71 -20.20
CA ALA A 92 9.89 -8.74 -21.29
C ALA A 92 9.25 -7.45 -20.79
N GLY A 93 9.89 -6.32 -21.08
CA GLY A 93 9.37 -5.04 -20.60
C GLY A 93 10.13 -3.88 -21.19
N ILE A 94 9.50 -2.71 -21.15
CA ILE A 94 10.08 -1.46 -21.65
C ILE A 94 9.71 -0.30 -20.72
N MSE A 95 10.63 0.66 -20.58
CA MSE A 95 10.43 1.79 -19.70
C MSE A 95 10.62 3.09 -20.48
O MSE A 95 11.74 3.48 -20.80
CB MSE A 95 11.38 1.73 -18.50
CG MSE A 95 11.19 2.88 -17.52
SE MSE A 95 12.47 2.79 -16.06
CE MSE A 95 14.05 3.35 -17.07
N LEU A 96 9.50 3.75 -20.77
CA LEU A 96 9.49 4.95 -21.58
C LEU A 96 9.04 6.11 -20.67
N LEU A 97 10.02 6.86 -20.20
CA LEU A 97 9.80 7.92 -19.22
C LEU A 97 9.56 9.26 -19.88
N GLY A 98 8.80 10.09 -19.19
CA GLY A 98 8.49 11.43 -19.64
C GLY A 98 7.25 11.92 -18.93
N PRO A 99 6.98 13.23 -18.98
CA PRO A 99 5.78 13.78 -18.34
C PRO A 99 4.50 13.26 -18.99
N VAL A 100 3.39 13.35 -18.27
CA VAL A 100 2.10 13.04 -18.86
C VAL A 100 1.73 14.10 -19.90
N GLU A 101 2.03 15.37 -19.57
CA GLU A 101 1.73 16.51 -20.41
C GLU A 101 2.36 16.34 -21.79
N ASP A 102 1.52 16.44 -22.83
CA ASP A 102 1.98 16.42 -24.21
C ASP A 102 2.75 15.14 -24.57
N ALA A 103 2.49 14.06 -23.85
CA ALA A 103 3.25 12.81 -24.02
C ALA A 103 3.05 12.21 -25.40
N ASP A 104 4.07 11.50 -25.88
CA ASP A 104 3.95 10.68 -27.06
C ASP A 104 3.15 9.44 -26.61
N THR A 105 1.88 9.35 -27.02
CA THR A 105 1.02 8.28 -26.51
C THR A 105 1.38 6.89 -27.02
N THR A 106 2.26 6.82 -28.02
CA THR A 106 2.77 5.51 -28.43
C THR A 106 3.72 4.96 -27.37
N ASP A 107 4.32 5.84 -26.56
CA ASP A 107 5.03 5.39 -25.35
C ASP A 107 4.09 4.56 -24.51
N TRP A 108 2.85 5.06 -24.38
CA TRP A 108 1.87 4.47 -23.48
C TRP A 108 1.38 3.13 -24.01
N THR A 109 0.99 3.12 -25.29
CA THR A 109 0.45 1.89 -25.88
C THR A 109 1.52 0.81 -25.93
N ARG A 110 2.77 1.18 -26.23
CA ARG A 110 3.87 0.20 -26.19
C ARG A 110 4.04 -0.40 -24.79
N MSE A 111 4.09 0.45 -23.78
CA MSE A 111 4.28 -0.03 -22.39
C MSE A 111 3.14 -0.90 -21.94
O MSE A 111 3.36 -1.95 -21.36
CB MSE A 111 4.50 1.12 -21.42
CG MSE A 111 5.93 1.63 -21.42
SE MSE A 111 6.19 2.93 -20.03
CE MSE A 111 5.09 4.45 -20.79
N ILE A 112 1.90 -0.46 -22.20
CA ILE A 112 0.74 -1.25 -21.82
C ILE A 112 0.72 -2.61 -22.55
N ASP A 113 1.00 -2.57 -23.85
CA ASP A 113 1.03 -3.79 -24.66
C ASP A 113 2.04 -4.83 -24.17
N THR A 114 3.24 -4.36 -23.77
CA THR A 114 4.35 -5.25 -23.42
C THR A 114 4.36 -5.62 -21.94
N ASN A 115 4.36 -4.58 -21.09
CA ASN A 115 4.52 -4.73 -19.64
C ASN A 115 3.31 -5.33 -18.98
N LEU A 116 2.13 -5.02 -19.52
CA LEU A 116 0.89 -5.41 -18.89
C LEU A 116 0.16 -6.49 -19.67
N LEU A 117 -0.39 -6.17 -20.85
CA LEU A 117 -1.14 -7.13 -21.65
C LEU A 117 -0.30 -8.36 -22.03
N GLY A 118 0.92 -8.11 -22.48
CA GLY A 118 1.85 -9.19 -22.86
C GLY A 118 2.14 -10.14 -21.71
N LEU A 119 2.38 -9.58 -20.53
CA LEU A 119 2.61 -10.37 -19.33
C LEU A 119 1.37 -11.21 -18.99
N MSE A 120 0.21 -10.58 -19.15
CA MSE A 120 -1.06 -11.26 -18.89
C MSE A 120 -1.31 -12.40 -19.87
O MSE A 120 -1.72 -13.50 -19.45
CB MSE A 120 -2.21 -10.27 -18.91
CG MSE A 120 -2.17 -9.28 -17.79
SE MSE A 120 -3.47 -7.84 -18.13
CE MSE A 120 -3.41 -7.09 -16.42
N TYR A 121 -1.09 -12.14 -21.15
CA TYR A 121 -1.27 -13.15 -22.19
C TYR A 121 -0.37 -14.37 -21.92
N MSE A 122 0.89 -14.10 -21.59
N MSE A 122 0.90 -14.09 -21.62
CA MSE A 122 1.86 -15.18 -21.35
CA MSE A 122 1.88 -15.14 -21.33
C MSE A 122 1.54 -15.96 -20.07
C MSE A 122 1.43 -15.97 -20.11
O MSE A 122 1.75 -17.17 -19.98
O MSE A 122 1.46 -17.19 -20.15
CB MSE A 122 3.29 -14.63 -21.36
CB MSE A 122 3.25 -14.52 -21.10
CG MSE A 122 4.39 -15.69 -21.15
CG MSE A 122 3.99 -14.11 -22.37
SE MSE A 122 4.20 -17.28 -22.27
SE MSE A 122 4.55 -15.60 -23.52
CE MSE A 122 5.27 -16.75 -23.79
CE MSE A 122 5.34 -16.76 -22.24
N THR A 123 0.98 -15.27 -19.07
CA THR A 123 0.55 -15.92 -17.84
C THR A 123 -0.59 -16.87 -18.15
N ARG A 124 -1.60 -16.38 -18.87
CA ARG A 124 -2.76 -17.18 -19.25
C ARG A 124 -2.39 -18.38 -20.13
N ALA A 125 -1.52 -18.17 -21.11
CA ALA A 125 -1.13 -19.26 -22.02
C ALA A 125 -0.35 -20.37 -21.31
N ALA A 126 0.54 -19.98 -20.41
CA ALA A 126 1.37 -20.92 -19.65
C ALA A 126 0.60 -21.67 -18.56
N LEU A 127 -0.47 -21.06 -18.05
CA LEU A 127 -1.17 -21.53 -16.85
C LEU A 127 -1.62 -23.00 -16.89
N PRO A 128 -2.24 -23.47 -18.00
CA PRO A 128 -2.60 -24.90 -17.94
C PRO A 128 -1.40 -25.83 -17.74
N HIS A 129 -0.26 -25.47 -18.34
CA HIS A 129 0.98 -26.23 -18.21
C HIS A 129 1.57 -26.12 -16.80
N LEU A 130 1.50 -24.92 -16.21
CA LEU A 130 1.95 -24.70 -14.83
C LEU A 130 1.06 -25.43 -13.83
N LEU A 131 -0.24 -25.46 -14.11
CA LEU A 131 -1.17 -26.24 -13.29
C LEU A 131 -0.78 -27.72 -13.26
N ARG A 132 -0.49 -28.28 -14.42
CA ARG A 132 -0.06 -29.68 -14.52
C ARG A 132 1.23 -29.98 -13.76
N SER A 133 2.17 -29.03 -13.75
CA SER A 133 3.50 -29.27 -13.17
C SER A 133 3.62 -28.72 -11.75
N LYS A 134 2.53 -28.12 -11.24
CA LYS A 134 2.57 -27.31 -10.01
C LYS A 134 3.79 -26.39 -10.05
N GLY A 135 3.85 -25.61 -11.12
CA GLY A 135 5.00 -24.79 -11.48
C GLY A 135 4.98 -23.43 -10.81
N THR A 136 5.84 -22.53 -11.30
CA THR A 136 6.02 -21.21 -10.71
C THR A 136 6.02 -20.16 -11.81
N VAL A 137 5.23 -19.10 -11.62
CA VAL A 137 5.33 -17.94 -12.52
C VAL A 137 6.01 -16.80 -11.80
N VAL A 138 7.06 -16.26 -12.43
CA VAL A 138 7.87 -15.17 -11.88
C VAL A 138 7.55 -13.93 -12.72
N GLN A 139 6.96 -12.94 -12.07
CA GLN A 139 6.61 -11.68 -12.71
C GLN A 139 7.70 -10.66 -12.42
N MSE A 140 8.27 -10.11 -13.49
CA MSE A 140 9.30 -9.09 -13.32
C MSE A 140 8.63 -7.72 -13.22
O MSE A 140 8.28 -7.09 -14.24
CB MSE A 140 10.32 -9.10 -14.46
CG MSE A 140 11.59 -8.24 -14.18
SE MSE A 140 12.59 -8.88 -12.59
CE MSE A 140 12.84 -10.71 -13.08
N SER A 141 8.42 -7.28 -11.99
CA SER A 141 7.82 -5.98 -11.75
C SER A 141 8.96 -4.99 -11.58
N SER A 142 8.85 -4.10 -10.59
CA SER A 142 9.79 -3.00 -10.44
C SER A 142 9.53 -2.30 -9.12
N ILE A 143 10.52 -1.53 -8.67
CA ILE A 143 10.33 -0.50 -7.66
C ILE A 143 9.17 0.41 -8.07
N ALA A 144 8.99 0.56 -9.38
CA ALA A 144 7.90 1.33 -9.98
C ALA A 144 6.51 0.69 -9.78
N GLY A 145 6.49 -0.53 -9.25
CA GLY A 145 5.24 -1.17 -8.84
C GLY A 145 4.95 -0.95 -7.36
N ARG A 146 5.85 -0.23 -6.69
CA ARG A 146 5.77 0.01 -5.24
C ARG A 146 5.84 1.49 -4.88
N VAL A 147 6.56 2.26 -5.69
CA VAL A 147 6.86 3.67 -5.42
C VAL A 147 6.61 4.50 -6.67
N ASN A 148 5.92 5.62 -6.52
CA ASN A 148 5.70 6.57 -7.61
C ASN A 148 6.64 7.77 -7.55
N VAL A 149 7.37 7.97 -8.63
CA VAL A 149 8.19 9.16 -8.83
C VAL A 149 7.75 9.90 -10.10
N ARG A 150 8.15 11.16 -10.21
CA ARG A 150 7.79 12.00 -11.36
C ARG A 150 8.34 11.45 -12.67
N ASN A 151 7.62 11.71 -13.76
CA ASN A 151 7.99 11.30 -15.12
C ASN A 151 7.97 9.80 -15.41
N ALA A 152 7.23 9.04 -14.60
CA ALA A 152 7.10 7.61 -14.83
C ALA A 152 5.68 7.14 -14.62
N ALA A 153 4.72 8.03 -14.89
CA ALA A 153 3.33 7.78 -14.59
C ALA A 153 2.81 6.50 -15.23
N VAL A 154 3.00 6.36 -16.54
CA VAL A 154 2.44 5.21 -17.24
C VAL A 154 3.26 3.95 -16.95
N TYR A 155 4.57 4.10 -16.88
CA TYR A 155 5.42 2.97 -16.46
C TYR A 155 4.97 2.43 -15.11
N GLN A 156 4.81 3.32 -14.14
CA GLN A 156 4.31 2.94 -12.81
C GLN A 156 2.91 2.34 -12.85
N ALA A 157 2.00 2.93 -13.64
CA ALA A 157 0.70 2.32 -13.86
C ALA A 157 0.82 0.84 -14.26
N THR A 158 1.69 0.53 -15.23
CA THR A 158 1.81 -0.86 -15.70
C THR A 158 2.34 -1.77 -14.60
N LYS A 159 3.27 -1.25 -13.80
CA LYS A 159 3.94 -2.08 -12.80
C LYS A 159 3.07 -2.29 -11.55
N PHE A 160 2.40 -1.24 -11.07
CA PHE A 160 1.35 -1.43 -10.06
C PHE A 160 0.27 -2.39 -10.59
N GLY A 161 -0.05 -2.29 -11.88
CA GLY A 161 -1.01 -3.21 -12.51
C GLY A 161 -0.56 -4.66 -12.51
N VAL A 162 0.70 -4.88 -12.91
CA VAL A 162 1.32 -6.22 -12.82
C VAL A 162 1.19 -6.78 -11.40
N ASN A 163 1.53 -5.96 -10.41
CA ASN A 163 1.40 -6.40 -9.02
C ASN A 163 0.00 -6.82 -8.61
N ALA A 164 -1.00 -5.99 -8.92
CA ALA A 164 -2.40 -6.32 -8.59
C ALA A 164 -2.85 -7.56 -9.34
N PHE A 165 -2.54 -7.60 -10.65
CA PHE A 165 -2.84 -8.78 -11.47
C PHE A 165 -2.28 -10.05 -10.82
N SER A 166 -1.04 -9.94 -10.34
CA SER A 166 -0.31 -11.10 -9.82
C SER A 166 -0.78 -11.54 -8.45
N GLU A 167 -1.10 -10.60 -7.56
CA GLU A 167 -1.72 -10.95 -6.27
C GLU A 167 -3.05 -11.68 -6.49
N THR A 168 -3.86 -11.16 -7.39
CA THR A 168 -5.16 -11.77 -7.66
C THR A 168 -4.98 -13.17 -8.24
N LEU A 169 -4.02 -13.28 -9.17
CA LEU A 169 -3.67 -14.56 -9.76
C LEU A 169 -3.27 -15.55 -8.65
N ARG A 170 -2.46 -15.09 -7.70
CA ARG A 170 -2.06 -15.93 -6.57
C ARG A 170 -3.29 -16.46 -5.82
N GLN A 171 -4.24 -15.58 -5.55
CA GLN A 171 -5.46 -16.00 -4.86
C GLN A 171 -6.20 -17.11 -5.65
N GLU A 172 -6.16 -17.00 -6.98
CA GLU A 172 -6.89 -17.89 -7.86
C GLU A 172 -6.27 -19.29 -8.01
N VAL A 173 -4.94 -19.36 -8.08
CA VAL A 173 -4.23 -20.60 -8.46
C VAL A 173 -3.34 -21.20 -7.36
N THR A 174 -3.11 -20.46 -6.28
CA THR A 174 -2.15 -20.94 -5.27
C THR A 174 -2.57 -22.27 -4.61
N GLU A 175 -3.87 -22.46 -4.39
CA GLU A 175 -4.39 -23.72 -3.82
C GLU A 175 -4.17 -24.94 -4.72
N ARG A 176 -3.97 -24.68 -6.01
CA ARG A 176 -3.66 -25.76 -6.96
C ARG A 176 -2.15 -25.93 -7.20
N GLY A 177 -1.35 -25.21 -6.40
CA GLY A 177 0.08 -25.44 -6.35
C GLY A 177 0.86 -24.65 -7.39
N VAL A 178 0.21 -23.68 -8.02
CA VAL A 178 0.94 -22.75 -8.90
C VAL A 178 1.38 -21.55 -8.07
N ARG A 179 2.70 -21.39 -7.97
CA ARG A 179 3.32 -20.34 -7.16
C ARG A 179 3.49 -19.09 -7.98
N VAL A 180 3.07 -17.96 -7.41
CA VAL A 180 3.20 -16.67 -8.09
C VAL A 180 4.22 -15.81 -7.33
N VAL A 181 5.33 -15.53 -8.03
CA VAL A 181 6.47 -14.81 -7.46
C VAL A 181 6.57 -13.45 -8.19
N VAL A 182 6.76 -12.37 -7.44
CA VAL A 182 6.91 -11.04 -8.03
C VAL A 182 8.23 -10.43 -7.58
N ILE A 183 9.09 -10.12 -8.53
CA ILE A 183 10.39 -9.52 -8.26
C ILE A 183 10.30 -8.03 -8.58
N GLU A 184 10.79 -7.20 -7.65
CA GLU A 184 10.71 -5.75 -7.78
C GLU A 184 12.09 -5.14 -7.67
N PRO A 185 12.85 -5.10 -8.79
CA PRO A 185 14.13 -4.45 -8.66
C PRO A 185 14.05 -2.93 -8.72
N GLY A 186 14.96 -2.27 -7.99
CA GLY A 186 15.28 -0.89 -8.25
C GLY A 186 16.29 -0.81 -9.39
N THR A 187 16.94 0.33 -9.51
CA THR A 187 17.85 0.61 -10.62
C THR A 187 18.90 -0.49 -10.87
N THR A 188 18.83 -1.07 -12.06
CA THR A 188 19.67 -2.19 -12.47
C THR A 188 20.38 -1.79 -13.76
N ASP A 189 21.65 -2.16 -13.89
CA ASP A 189 22.46 -1.77 -15.04
C ASP A 189 22.14 -2.62 -16.27
N THR A 190 21.14 -2.18 -17.04
CA THR A 190 20.76 -2.87 -18.27
C THR A 190 20.62 -1.89 -19.44
N GLU A 191 20.03 -2.38 -20.54
CA GLU A 191 19.76 -1.59 -21.74
C GLU A 191 18.44 -0.84 -21.62
N LEU A 192 17.70 -1.07 -20.53
CA LEU A 192 16.34 -0.53 -20.37
C LEU A 192 16.23 0.98 -20.70
N ARG A 193 17.14 1.78 -20.16
CA ARG A 193 17.02 3.24 -20.22
C ARG A 193 17.33 3.85 -21.59
N GLY A 194 17.99 3.07 -22.43
CA GLY A 194 18.36 3.54 -23.76
C GLY A 194 17.17 3.73 -24.68
N HIS A 195 16.03 3.18 -24.27
CA HIS A 195 14.81 3.23 -25.08
C HIS A 195 13.92 4.45 -24.81
N ILE A 196 14.19 5.17 -23.72
CA ILE A 196 13.42 6.37 -23.38
C ILE A 196 13.35 7.33 -24.57
N THR A 197 12.13 7.72 -24.93
CA THR A 197 11.92 8.55 -26.12
C THR A 197 11.92 10.05 -25.78
N HIS A 198 11.43 10.42 -24.60
CA HIS A 198 11.48 11.82 -24.15
C HIS A 198 12.91 12.19 -23.74
N THR A 199 13.54 13.04 -24.54
CA THR A 199 14.97 13.35 -24.43
C THR A 199 15.38 13.99 -23.10
N ALA A 200 14.67 15.04 -22.69
CA ALA A 200 14.96 15.73 -21.44
C ALA A 200 14.87 14.78 -20.25
N THR A 201 13.87 13.91 -20.26
CA THR A 201 13.66 12.94 -19.19
C THR A 201 14.73 11.85 -19.19
N LYS A 202 15.10 11.36 -20.36
CA LYS A 202 16.20 10.41 -20.49
C LYS A 202 17.46 10.97 -19.81
N GLU A 203 17.75 12.24 -20.09
CA GLU A 203 18.90 12.94 -19.49
C GLU A 203 18.79 13.10 -17.97
N MSE A 204 17.64 13.53 -17.48
CA MSE A 204 17.40 13.64 -16.04
C MSE A 204 17.56 12.30 -15.32
O MSE A 204 18.17 12.22 -14.25
CB MSE A 204 16.01 14.22 -15.75
CG MSE A 204 15.83 15.66 -16.18
SE MSE A 204 14.13 16.37 -15.54
CE MSE A 204 12.92 15.16 -16.38
N TYR A 205 17.01 11.25 -15.93
CA TYR A 205 17.09 9.91 -15.35
C TYR A 205 18.53 9.42 -15.29
N GLU A 206 19.28 9.64 -16.38
CA GLU A 206 20.70 9.26 -16.46
C GLU A 206 21.51 9.92 -15.33
N GLN A 207 21.28 11.23 -15.14
CA GLN A 207 21.94 11.98 -14.08
C GLN A 207 21.53 11.50 -12.69
N ARG A 208 20.26 11.12 -12.54
CA ARG A 208 19.74 10.67 -11.25
C ARG A 208 20.41 9.37 -10.80
N ILE A 209 20.78 8.51 -11.75
CA ILE A 209 21.33 7.19 -11.44
C ILE A 209 22.85 7.08 -11.64
N SER A 210 23.50 8.21 -11.96
CA SER A 210 24.92 8.24 -12.25
C SER A 210 25.85 7.97 -11.06
N GLN A 211 25.40 8.30 -9.86
CA GLN A 211 26.26 8.26 -8.66
C GLN A 211 25.84 7.22 -7.61
N ILE A 212 25.30 6.10 -8.09
CA ILE A 212 25.05 4.96 -7.23
C ILE A 212 25.77 3.75 -7.81
N ARG A 213 26.06 2.77 -6.96
CA ARG A 213 26.33 1.43 -7.44
C ARG A 213 24.96 0.84 -7.80
N LYS A 214 24.76 0.54 -9.08
CA LYS A 214 23.47 0.02 -9.51
C LYS A 214 23.43 -1.45 -9.18
N LEU A 215 22.24 -2.00 -9.01
CA LEU A 215 22.10 -3.44 -8.99
C LEU A 215 22.58 -4.02 -10.32
N GLN A 216 23.07 -5.25 -10.28
CA GLN A 216 23.51 -5.94 -11.48
C GLN A 216 22.43 -6.93 -11.91
N ALA A 217 22.35 -7.21 -13.20
CA ALA A 217 21.38 -8.18 -13.71
C ALA A 217 21.53 -9.51 -12.97
N GLN A 218 22.79 -9.88 -12.69
CA GLN A 218 23.12 -11.09 -11.91
C GLN A 218 22.47 -11.09 -10.52
N ASP A 219 22.42 -9.94 -9.87
CA ASP A 219 21.72 -9.81 -8.56
C ASP A 219 20.24 -10.17 -8.65
N ILE A 220 19.59 -9.66 -9.70
CA ILE A 220 18.17 -9.93 -9.91
C ILE A 220 17.98 -11.40 -10.26
N ALA A 221 18.87 -11.95 -11.09
CA ALA A 221 18.84 -13.37 -11.39
C ALA A 221 18.95 -14.20 -10.12
N GLU A 222 19.78 -13.75 -9.17
CA GLU A 222 19.92 -14.47 -7.90
C GLU A 222 18.64 -14.49 -7.08
N ALA A 223 17.88 -13.39 -7.16
CA ALA A 223 16.59 -13.28 -6.47
C ALA A 223 15.62 -14.29 -7.06
N VAL A 224 15.58 -14.36 -8.39
CA VAL A 224 14.73 -15.32 -9.08
C VAL A 224 15.12 -16.73 -8.64
N ARG A 225 16.43 -17.02 -8.64
CA ARG A 225 16.93 -18.35 -8.29
C ARG A 225 16.50 -18.72 -6.87
N TYR A 226 16.66 -17.78 -5.93
CA TYR A 226 16.22 -17.98 -4.54
C TYR A 226 14.71 -18.35 -4.49
N ALA A 227 13.87 -17.56 -5.17
CA ALA A 227 12.41 -17.76 -5.12
C ALA A 227 12.00 -19.10 -5.73
N VAL A 228 12.61 -19.45 -6.86
CA VAL A 228 12.15 -20.64 -7.60
C VAL A 228 12.68 -21.94 -6.99
N THR A 229 13.78 -21.86 -6.25
CA THR A 229 14.34 -23.05 -5.58
C THR A 229 13.81 -23.24 -4.16
N ALA A 230 12.99 -22.32 -3.68
CA ALA A 230 12.32 -22.51 -2.39
C ALA A 230 11.45 -23.76 -2.46
N PRO A 231 11.23 -24.44 -1.32
CA PRO A 231 10.40 -25.66 -1.36
C PRO A 231 8.99 -25.31 -1.81
N HIS A 232 8.32 -26.26 -2.46
CA HIS A 232 6.99 -25.97 -3.05
C HIS A 232 5.97 -25.34 -2.08
N HIS A 233 6.00 -25.73 -0.81
CA HIS A 233 5.04 -25.21 0.16
C HIS A 233 5.26 -23.72 0.48
N ALA A 234 6.36 -23.16 -0.01
CA ALA A 234 6.64 -21.73 0.19
C ALA A 234 6.55 -20.97 -1.11
N THR A 235 5.73 -19.91 -1.10
CA THR A 235 5.62 -19.00 -2.23
C THR A 235 6.23 -17.65 -1.82
N VAL A 236 7.38 -17.36 -2.40
CA VAL A 236 8.06 -16.08 -2.15
C VAL A 236 7.35 -15.05 -3.05
N HIS A 237 6.28 -14.47 -2.53
CA HIS A 237 5.41 -13.70 -3.40
C HIS A 237 5.99 -12.36 -3.82
N GLU A 238 6.82 -11.77 -2.97
CA GLU A 238 7.47 -10.51 -3.34
C GLU A 238 8.91 -10.46 -2.87
N ILE A 239 9.82 -10.06 -3.76
CA ILE A 239 11.17 -9.64 -3.34
C ILE A 239 11.41 -8.25 -3.89
N PHE A 240 11.66 -7.33 -2.97
CA PHE A 240 11.82 -5.93 -3.26
C PHE A 240 13.27 -5.65 -2.98
N ILE A 241 14.04 -5.48 -4.07
CA ILE A 241 15.46 -5.28 -3.95
C ILE A 241 15.88 -3.90 -4.49
N ARG A 242 16.57 -3.14 -3.65
CA ARG A 242 16.90 -1.75 -3.92
C ARG A 242 18.40 -1.54 -3.91
N PRO A 243 18.91 -0.56 -4.70
CA PRO A 243 20.32 -0.23 -4.51
C PRO A 243 20.51 0.36 -3.11
N THR A 244 21.52 -0.14 -2.38
CA THR A 244 21.84 0.37 -1.05
C THR A 244 22.16 1.87 -1.09
N ASP A 245 22.72 2.34 -2.20
CA ASP A 245 23.20 3.73 -2.29
C ASP A 245 22.08 4.74 -2.56
N GLN A 246 20.88 4.24 -2.79
CA GLN A 246 19.79 5.08 -3.29
C GLN A 246 18.65 5.27 -2.29
N VAL A 247 18.51 6.50 -1.79
CA VAL A 247 17.33 6.87 -0.97
C VAL A 247 16.06 6.70 -1.81
N SER B 3 30.60 -20.38 4.05
CA SER B 3 31.27 -19.43 4.97
C SER B 3 31.23 -17.98 4.49
N ALA B 4 30.09 -17.61 3.89
CA ALA B 4 29.88 -16.26 3.36
C ALA B 4 29.96 -15.17 4.43
N LEU B 5 29.76 -15.58 5.68
CA LEU B 5 29.71 -14.63 6.81
C LEU B 5 30.86 -14.84 7.80
N GLN B 6 31.91 -15.54 7.36
CA GLN B 6 33.08 -15.74 8.21
C GLN B 6 33.60 -14.38 8.70
N GLY B 7 33.83 -14.28 10.01
CA GLY B 7 34.39 -13.07 10.60
C GLY B 7 33.33 -12.03 10.96
N LYS B 8 32.10 -12.27 10.53
CA LYS B 8 30.97 -11.37 10.80
C LYS B 8 30.29 -11.73 12.11
N VAL B 9 29.67 -10.73 12.73
CA VAL B 9 29.00 -10.89 14.02
C VAL B 9 27.50 -10.60 13.88
N ALA B 10 26.67 -11.57 14.25
CA ALA B 10 25.22 -11.38 14.21
C ALA B 10 24.59 -11.48 15.59
N LEU B 11 23.68 -10.56 15.88
CA LEU B 11 22.88 -10.57 17.10
C LEU B 11 21.40 -10.83 16.72
N ILE B 12 20.85 -11.91 17.23
CA ILE B 12 19.49 -12.36 16.92
C ILE B 12 18.65 -12.30 18.19
N THR B 13 17.57 -11.52 18.17
CA THR B 13 16.62 -11.51 19.30
C THR B 13 15.55 -12.56 19.04
N GLY B 14 14.95 -13.07 20.11
CA GLY B 14 14.00 -14.17 20.02
C GLY B 14 14.65 -15.44 19.50
N ALA B 15 15.86 -15.72 19.97
CA ALA B 15 16.62 -16.86 19.47
C ALA B 15 16.34 -18.14 20.23
N SER B 16 15.47 -18.08 21.24
CA SER B 16 15.20 -19.25 22.09
C SER B 16 14.30 -20.30 21.43
N SER B 17 13.54 -19.90 20.41
CA SER B 17 12.66 -20.83 19.69
C SER B 17 12.32 -20.26 18.32
N GLY B 18 11.56 -21.05 17.54
CA GLY B 18 10.93 -20.57 16.31
C GLY B 18 11.89 -20.08 15.27
N ILE B 19 11.52 -18.99 14.62
CA ILE B 19 12.27 -18.40 13.51
C ILE B 19 13.65 -17.91 13.96
N GLY B 20 13.71 -17.29 15.13
CA GLY B 20 14.96 -16.80 15.70
C GLY B 20 15.96 -17.90 15.93
N GLU B 21 15.50 -19.03 16.47
CA GLU B 21 16.36 -20.20 16.67
C GLU B 21 16.90 -20.68 15.33
N ALA B 22 16.04 -20.77 14.32
CA ALA B 22 16.48 -21.28 13.02
C ALA B 22 17.42 -20.29 12.31
N THR B 23 17.17 -19.00 12.50
CA THR B 23 18.03 -17.97 11.92
C THR B 23 19.43 -17.96 12.55
N ALA B 24 19.48 -18.08 13.87
CA ALA B 24 20.75 -18.19 14.58
C ALA B 24 21.56 -19.38 14.04
N ARG B 25 20.87 -20.52 13.86
CA ARG B 25 21.47 -21.72 13.30
C ARG B 25 22.01 -21.52 11.89
N ALA B 26 21.23 -20.87 11.04
CA ALA B 26 21.59 -20.64 9.64
C ALA B 26 22.76 -19.67 9.51
N LEU B 27 22.76 -18.62 10.32
CA LEU B 27 23.84 -17.63 10.30
C LEU B 27 25.16 -18.20 10.83
N ALA B 28 25.08 -18.96 11.94
CA ALA B 28 26.25 -19.69 12.45
C ALA B 28 26.83 -20.63 11.37
N ALA B 29 25.96 -21.36 10.67
CA ALA B 29 26.37 -22.27 9.58
C ALA B 29 27.12 -21.58 8.44
N GLU B 30 26.89 -20.28 8.26
CA GLU B 30 27.63 -19.48 7.29
C GLU B 30 28.90 -18.86 7.86
N GLY B 31 29.23 -19.20 9.12
CA GLY B 31 30.47 -18.75 9.73
C GLY B 31 30.38 -17.53 10.63
N ALA B 32 29.17 -17.02 10.84
CA ALA B 32 28.96 -15.87 11.71
C ALA B 32 29.13 -16.23 13.18
N ALA B 33 29.77 -15.34 13.93
CA ALA B 33 29.68 -15.38 15.39
C ALA B 33 28.28 -14.93 15.72
N VAL B 34 27.61 -15.64 16.63
CA VAL B 34 26.24 -15.27 17.00
C VAL B 34 26.05 -14.91 18.49
N ALA B 35 25.45 -13.75 18.70
CA ALA B 35 24.97 -13.34 20.01
C ALA B 35 23.49 -13.68 20.02
N ILE B 36 23.09 -14.56 20.93
CA ILE B 36 21.70 -15.05 20.93
C ILE B 36 20.93 -14.49 22.13
N ALA B 37 19.83 -13.80 21.86
CA ALA B 37 19.10 -13.07 22.90
C ALA B 37 17.64 -13.47 23.02
N ALA B 38 17.22 -13.69 24.27
CA ALA B 38 15.85 -14.01 24.64
C ALA B 38 15.70 -14.00 26.17
N ARG B 39 14.50 -14.29 26.66
CA ARG B 39 14.24 -14.35 28.11
C ARG B 39 14.44 -15.73 28.74
N ARG B 40 14.31 -16.80 27.95
CA ARG B 40 14.49 -18.16 28.47
C ARG B 40 15.93 -18.64 28.34
N VAL B 41 16.74 -18.34 29.35
CA VAL B 41 18.17 -18.67 29.32
C VAL B 41 18.47 -20.17 29.16
N GLU B 42 17.63 -21.03 29.74
CA GLU B 42 17.81 -22.48 29.61
C GLU B 42 17.77 -22.95 28.14
N LYS B 43 16.84 -22.38 27.37
CA LYS B 43 16.76 -22.71 25.96
C LYS B 43 17.91 -22.09 25.17
N LEU B 44 18.30 -20.87 25.55
CA LEU B 44 19.42 -20.17 24.93
C LEU B 44 20.73 -20.93 25.13
N ARG B 45 20.94 -21.43 26.35
CA ARG B 45 22.13 -22.21 26.68
C ARG B 45 22.19 -23.51 25.89
N ALA B 46 21.05 -24.17 25.75
CA ALA B 46 20.96 -25.45 25.02
C ALA B 46 21.29 -25.27 23.53
N LEU B 47 20.79 -24.18 22.96
CA LEU B 47 21.13 -23.79 21.58
C LEU B 47 22.61 -23.40 21.46
N GLY B 48 23.07 -22.57 22.40
CA GLY B 48 24.45 -22.10 22.42
C GLY B 48 25.43 -23.24 22.53
N ASP B 49 25.11 -24.22 23.38
CA ASP B 49 25.89 -25.46 23.48
C ASP B 49 26.03 -26.14 22.12
N GLU B 50 24.91 -26.29 21.40
CA GLU B 50 24.91 -26.93 20.09
C GLU B 50 25.76 -26.19 19.08
N LEU B 51 25.58 -24.88 19.00
CA LEU B 51 26.28 -24.05 18.04
C LEU B 51 27.80 -24.00 18.28
N THR B 52 28.22 -23.89 19.54
CA THR B 52 29.64 -23.95 19.90
C THR B 52 30.20 -25.35 19.57
N ALA B 53 29.36 -26.37 19.77
CA ALA B 53 29.73 -27.75 19.45
C ALA B 53 30.02 -27.89 17.95
N ALA B 54 29.23 -27.20 17.14
CA ALA B 54 29.39 -27.18 15.68
C ALA B 54 30.53 -26.26 15.20
N GLY B 55 31.14 -25.50 16.11
CA GLY B 55 32.26 -24.64 15.78
C GLY B 55 32.02 -23.14 15.77
N ALA B 56 30.81 -22.71 16.13
CA ALA B 56 30.49 -21.29 16.18
C ALA B 56 30.96 -20.64 17.48
N LYS B 57 31.26 -19.35 17.44
CA LYS B 57 31.44 -18.61 18.68
C LYS B 57 30.06 -18.08 19.05
N VAL B 58 29.67 -18.33 20.30
CA VAL B 58 28.33 -17.96 20.77
C VAL B 58 28.47 -17.06 22.00
N HIS B 59 27.65 -16.02 22.04
CA HIS B 59 27.52 -15.12 23.18
C HIS B 59 26.06 -15.14 23.60
N VAL B 60 25.80 -15.59 24.83
CA VAL B 60 24.41 -15.72 25.29
C VAL B 60 23.95 -14.44 26.00
N LEU B 61 22.77 -13.97 25.60
CA LEU B 61 22.20 -12.76 26.16
C LEU B 61 20.83 -13.03 26.76
N GLU B 62 20.74 -12.97 28.07
CA GLU B 62 19.44 -12.92 28.72
C GLU B 62 18.95 -11.50 28.54
N LEU B 63 17.86 -11.34 27.80
CA LEU B 63 17.36 -10.03 27.44
C LEU B 63 15.85 -9.98 27.24
N ASP B 64 15.22 -8.98 27.85
CA ASP B 64 13.86 -8.58 27.51
C ASP B 64 14.02 -7.33 26.64
N VAL B 65 13.60 -7.43 25.37
CA VAL B 65 13.75 -6.32 24.43
C VAL B 65 12.98 -5.05 24.83
N ALA B 66 11.95 -5.20 25.66
CA ALA B 66 11.19 -4.05 26.19
C ALA B 66 12.00 -3.19 27.16
N ASP B 67 13.07 -3.76 27.71
CA ASP B 67 13.94 -3.11 28.68
C ASP B 67 15.05 -2.30 27.99
N ARG B 68 14.81 -0.99 27.85
CA ARG B 68 15.73 -0.05 27.21
C ARG B 68 17.18 -0.16 27.70
N GLN B 69 17.38 -0.17 29.02
CA GLN B 69 18.73 -0.35 29.56
C GLN B 69 19.29 -1.73 29.25
N GLY B 70 18.42 -2.75 29.28
CA GLY B 70 18.83 -4.11 28.93
C GLY B 70 19.32 -4.19 27.51
N VAL B 71 18.65 -3.46 26.62
CA VAL B 71 18.98 -3.41 25.20
C VAL B 71 20.36 -2.77 24.98
N ASP B 72 20.59 -1.61 25.59
CA ASP B 72 21.88 -0.93 25.51
C ASP B 72 23.02 -1.87 25.96
N ALA B 73 22.79 -2.46 27.17
CA ALA B 73 23.76 -3.37 27.79
C ALA B 73 24.07 -4.62 26.96
N ALA B 74 23.05 -5.17 26.27
CA ALA B 74 23.25 -6.35 25.43
C ALA B 74 24.12 -6.06 24.20
N VAL B 75 23.90 -4.89 23.59
CA VAL B 75 24.74 -4.43 22.48
C VAL B 75 26.20 -4.21 22.92
N ALA B 76 26.40 -3.61 24.10
CA ALA B 76 27.73 -3.37 24.63
C ALA B 76 28.53 -4.66 24.91
N SER B 77 27.88 -5.64 25.58
CA SER B 77 28.59 -6.87 26.02
C SER B 77 28.93 -7.78 24.81
N THR B 78 28.08 -7.70 23.76
CA THR B 78 28.32 -8.31 22.47
C THR B 78 29.59 -7.78 21.77
N VAL B 79 29.72 -6.46 21.71
CA VAL B 79 30.93 -5.80 21.11
C VAL B 79 32.21 -6.14 21.87
N GLU B 80 32.14 -6.09 23.20
CA GLU B 80 33.27 -6.50 24.04
C GLU B 80 33.59 -8.00 23.74
N ALA B 81 32.54 -8.88 23.72
CA ALA B 81 32.73 -10.36 23.61
C ALA B 81 33.09 -10.82 22.21
N LEU B 82 32.45 -10.25 21.19
CA LEU B 82 32.57 -10.76 19.82
C LEU B 82 33.32 -9.86 18.82
N GLY B 83 33.68 -8.64 19.23
CA GLY B 83 34.50 -7.76 18.40
C GLY B 83 33.75 -6.62 17.73
N GLY B 84 32.45 -6.78 17.53
CA GLY B 84 31.66 -5.77 16.85
C GLY B 84 30.28 -6.27 16.53
N LEU B 85 29.62 -5.61 15.60
CA LEU B 85 28.29 -6.02 15.17
C LEU B 85 28.08 -5.73 13.69
N ASP B 86 27.77 -6.80 12.93
CA ASP B 86 27.61 -6.74 11.48
C ASP B 86 26.16 -6.96 11.05
N ILE B 87 25.47 -7.86 11.73
CA ILE B 87 24.07 -8.18 11.41
C ILE B 87 23.23 -8.16 12.68
N LEU B 88 22.14 -7.42 12.64
CA LEU B 88 21.15 -7.46 13.70
C LEU B 88 19.85 -8.06 13.17
N VAL B 89 19.33 -9.05 13.86
CA VAL B 89 18.02 -9.63 13.53
C VAL B 89 17.02 -9.35 14.67
N ASN B 90 16.14 -8.39 14.45
CA ASN B 90 15.06 -8.04 15.40
C ASN B 90 13.87 -8.96 15.22
N ASN B 91 13.94 -10.14 15.85
CA ASN B 91 12.94 -11.20 15.64
C ASN B 91 12.00 -11.40 16.83
N ALA B 92 12.41 -10.97 18.03
CA ALA B 92 11.56 -11.10 19.21
C ALA B 92 10.20 -10.48 18.92
N GLY B 93 9.16 -11.25 19.20
CA GLY B 93 7.80 -10.77 18.99
C GLY B 93 6.78 -11.72 19.60
N ILE B 94 5.60 -11.18 19.84
CA ILE B 94 4.46 -11.95 20.35
C ILE B 94 3.21 -11.59 19.55
N MSE B 95 2.32 -12.58 19.41
CA MSE B 95 1.07 -12.39 18.69
C MSE B 95 -0.11 -12.73 19.57
O MSE B 95 -0.42 -13.90 19.80
CB MSE B 95 1.04 -13.25 17.43
CG MSE B 95 -0.19 -13.02 16.55
SE MSE B 95 -0.20 -14.13 14.95
CE MSE B 95 -0.63 -15.82 15.83
N LEU B 96 -0.75 -11.69 20.07
CA LEU B 96 -1.88 -11.81 20.97
C LEU B 96 -3.15 -11.39 20.24
N LEU B 97 -3.83 -12.39 19.68
CA LEU B 97 -5.01 -12.18 18.85
C LEU B 97 -6.28 -12.12 19.68
N GLY B 98 -7.27 -11.39 19.18
CA GLY B 98 -8.56 -11.22 19.83
C GLY B 98 -9.29 -10.02 19.23
N PRO B 99 -10.60 -9.92 19.46
CA PRO B 99 -11.33 -8.73 19.01
C PRO B 99 -10.85 -7.48 19.73
N VAL B 100 -11.12 -6.31 19.15
CA VAL B 100 -10.81 -5.04 19.83
C VAL B 100 -11.77 -4.85 21.01
N GLU B 101 -13.04 -5.17 20.78
CA GLU B 101 -14.09 -5.02 21.79
C GLU B 101 -13.74 -5.81 23.07
N ASP B 102 -13.91 -5.14 24.22
CA ASP B 102 -13.44 -5.61 25.56
C ASP B 102 -12.09 -6.37 25.59
N ALA B 103 -11.12 -5.94 24.80
CA ALA B 103 -9.80 -6.59 24.81
C ALA B 103 -9.11 -6.42 26.17
N ASP B 104 -8.31 -7.42 26.55
CA ASP B 104 -7.40 -7.27 27.66
C ASP B 104 -6.30 -6.34 27.16
N THR B 105 -6.31 -5.08 27.60
CA THR B 105 -5.35 -4.11 27.07
C THR B 105 -3.89 -4.42 27.40
N THR B 106 -3.65 -5.34 28.34
CA THR B 106 -2.29 -5.82 28.59
C THR B 106 -1.75 -6.64 27.41
N ASP B 107 -2.64 -7.25 26.62
CA ASP B 107 -2.26 -7.81 25.32
C ASP B 107 -1.56 -6.76 24.46
N TRP B 108 -2.18 -5.58 24.43
CA TRP B 108 -1.75 -4.50 23.57
C TRP B 108 -0.39 -3.94 24.01
N THR B 109 -0.26 -3.67 25.31
CA THR B 109 0.97 -3.10 25.82
C THR B 109 2.12 -4.07 25.63
N ARG B 110 1.85 -5.35 25.86
CA ARG B 110 2.85 -6.39 25.62
C ARG B 110 3.30 -6.41 24.16
N MSE B 111 2.35 -6.35 23.24
CA MSE B 111 2.71 -6.40 21.83
C MSE B 111 3.50 -5.17 21.40
O MSE B 111 4.50 -5.27 20.71
CB MSE B 111 1.49 -6.61 20.94
CG MSE B 111 1.08 -8.06 20.83
SE MSE B 111 -0.41 -8.28 19.58
CE MSE B 111 -1.84 -7.44 20.64
N ILE B 112 3.03 -4.00 21.84
CA ILE B 112 3.71 -2.75 21.54
C ILE B 112 5.13 -2.69 22.15
N ASP B 113 5.26 -3.08 23.41
CA ASP B 113 6.55 -3.06 24.07
C ASP B 113 7.54 -3.97 23.35
N THR B 114 7.08 -5.15 22.92
CA THR B 114 7.96 -6.15 22.33
C THR B 114 8.18 -5.96 20.83
N ASN B 115 7.07 -5.95 20.08
CA ASN B 115 7.09 -5.94 18.61
C ASN B 115 7.55 -4.61 18.01
N LEU B 116 7.25 -3.52 18.70
CA LEU B 116 7.45 -2.19 18.17
C LEU B 116 8.58 -1.49 18.92
N LEU B 117 8.33 -1.14 20.17
CA LEU B 117 9.27 -0.38 20.96
C LEU B 117 10.59 -1.13 21.14
N GLY B 118 10.49 -2.44 21.43
CA GLY B 118 11.67 -3.28 21.63
C GLY B 118 12.54 -3.32 20.39
N LEU B 119 11.90 -3.52 19.24
CA LEU B 119 12.55 -3.52 17.94
C LEU B 119 13.23 -2.17 17.66
N MSE B 120 12.55 -1.09 18.01
CA MSE B 120 13.09 0.27 17.86
C MSE B 120 14.30 0.54 18.76
O MSE B 120 15.30 1.11 18.32
CB MSE B 120 12.00 1.30 18.11
CG MSE B 120 10.91 1.26 17.10
SE MSE B 120 9.47 2.45 17.67
CE MSE B 120 8.51 2.40 15.99
N TYR B 121 14.19 0.14 20.01
CA TYR B 121 15.28 0.27 20.97
C TYR B 121 16.55 -0.42 20.45
N MSE B 122 16.40 -1.67 20.01
N MSE B 122 16.39 -1.67 20.02
CA MSE B 122 17.55 -2.47 19.56
CA MSE B 122 17.49 -2.50 19.53
C MSE B 122 18.16 -1.89 18.28
C MSE B 122 18.15 -1.86 18.31
O MSE B 122 19.38 -1.89 18.12
O MSE B 122 19.37 -1.77 18.22
CB MSE B 122 17.16 -3.94 19.40
CB MSE B 122 17.01 -3.90 19.19
CG MSE B 122 18.30 -4.84 18.93
CG MSE B 122 16.78 -4.80 20.41
SE MSE B 122 19.88 -4.81 20.08
SE MSE B 122 18.46 -5.31 21.28
CE MSE B 122 19.36 -6.23 21.28
CE MSE B 122 19.21 -6.43 19.94
N THR B 123 17.30 -1.40 17.38
CA THR B 123 17.75 -0.72 16.17
C THR B 123 18.62 0.51 16.50
N ARG B 124 18.14 1.37 17.40
CA ARG B 124 18.90 2.54 17.84
C ARG B 124 20.22 2.18 18.51
N ALA B 125 20.18 1.17 19.39
CA ALA B 125 21.38 0.77 20.12
C ALA B 125 22.45 0.19 19.20
N ALA B 126 22.03 -0.58 18.20
CA ALA B 126 22.97 -1.25 17.29
C ALA B 126 23.51 -0.29 16.24
N LEU B 127 22.74 0.75 15.93
CA LEU B 127 23.05 1.63 14.80
C LEU B 127 24.49 2.18 14.74
N PRO B 128 25.05 2.65 15.88
CA PRO B 128 26.44 3.10 15.80
C PRO B 128 27.40 2.02 15.29
N HIS B 129 27.24 0.78 15.78
CA HIS B 129 28.13 -0.31 15.40
C HIS B 129 27.87 -0.75 13.96
N LEU B 130 26.60 -0.72 13.55
CA LEU B 130 26.22 -1.08 12.20
C LEU B 130 26.75 -0.05 11.19
N LEU B 131 26.71 1.24 11.56
CA LEU B 131 27.36 2.29 10.78
C LEU B 131 28.84 2.04 10.52
N ARG B 132 29.57 1.69 11.57
CA ARG B 132 31.01 1.44 11.46
C ARG B 132 31.37 0.23 10.61
N SER B 133 30.51 -0.79 10.62
CA SER B 133 30.73 -2.03 9.87
C SER B 133 30.01 -2.11 8.52
N LYS B 134 29.29 -1.04 8.15
CA LYS B 134 28.39 -1.06 6.99
C LYS B 134 27.51 -2.31 7.05
N GLY B 135 26.88 -2.49 8.21
CA GLY B 135 26.16 -3.72 8.54
C GLY B 135 24.73 -3.75 8.04
N THR B 136 24.00 -4.78 8.45
CA THR B 136 22.61 -4.99 8.02
C THR B 136 21.71 -5.20 9.22
N VAL B 137 20.55 -4.55 9.20
CA VAL B 137 19.52 -4.82 10.21
C VAL B 137 18.33 -5.53 9.54
N VAL B 138 18.01 -6.71 10.07
CA VAL B 138 16.89 -7.52 9.57
C VAL B 138 15.72 -7.42 10.55
N GLN B 139 14.61 -6.84 10.07
CA GLN B 139 13.40 -6.70 10.85
C GLN B 139 12.47 -7.88 10.57
N MSE B 140 12.08 -8.60 11.61
CA MSE B 140 11.10 -9.66 11.42
C MSE B 140 9.68 -9.11 11.51
O MSE B 140 9.10 -9.01 12.59
CB MSE B 140 11.30 -10.79 12.42
CG MSE B 140 10.53 -12.07 12.06
SE MSE B 140 11.08 -12.84 10.32
CE MSE B 140 12.97 -13.11 10.68
N SER B 141 9.13 -8.74 10.35
CA SER B 141 7.75 -8.28 10.29
C SER B 141 6.84 -9.48 10.10
N SER B 142 5.88 -9.38 9.20
CA SER B 142 4.86 -10.40 9.02
C SER B 142 4.00 -10.07 7.82
N ILE B 143 3.27 -11.07 7.33
CA ILE B 143 2.12 -10.84 6.46
C ILE B 143 1.18 -9.81 7.14
N ALA B 144 1.17 -9.82 8.47
CA ALA B 144 0.38 -8.87 9.27
C ALA B 144 0.87 -7.42 9.17
N GLY B 145 2.03 -7.21 8.56
CA GLY B 145 2.51 -5.88 8.18
C GLY B 145 2.12 -5.47 6.77
N ARG B 146 1.41 -6.36 6.06
CA ARG B 146 1.02 -6.11 4.66
C ARG B 146 -0.47 -6.26 4.41
N VAL B 147 -1.11 -7.13 5.18
CA VAL B 147 -2.51 -7.55 5.00
C VAL B 147 -3.21 -7.55 6.36
N ASN B 148 -4.40 -6.97 6.42
CA ASN B 148 -5.21 -6.98 7.64
C ASN B 148 -6.32 -8.00 7.62
N VAL B 149 -6.34 -8.86 8.64
CA VAL B 149 -7.46 -9.78 8.87
C VAL B 149 -8.11 -9.51 10.22
N ARG B 150 -9.33 -10.01 10.41
CA ARG B 150 -10.05 -9.82 11.67
C ARG B 150 -9.33 -10.43 12.85
N ASN B 151 -9.51 -9.80 14.02
CA ASN B 151 -9.00 -10.30 15.29
C ASN B 151 -7.48 -10.20 15.49
N ALA B 152 -6.85 -9.39 14.66
CA ALA B 152 -5.42 -9.16 14.74
C ALA B 152 -5.10 -7.66 14.68
N ALA B 153 -6.03 -6.83 15.18
CA ALA B 153 -5.91 -5.36 14.98
C ALA B 153 -4.63 -4.76 15.53
N VAL B 154 -4.32 -5.05 16.80
CA VAL B 154 -3.15 -4.46 17.44
C VAL B 154 -1.87 -5.15 16.95
N TYR B 155 -1.93 -6.45 16.70
CA TYR B 155 -0.80 -7.17 16.11
C TYR B 155 -0.43 -6.52 14.77
N GLN B 156 -1.44 -6.31 13.93
CA GLN B 156 -1.25 -5.67 12.62
C GLN B 156 -0.75 -4.22 12.76
N ALA B 157 -1.33 -3.47 13.71
CA ALA B 157 -0.80 -2.15 14.04
C ALA B 157 0.73 -2.20 14.29
N THR B 158 1.20 -3.15 15.10
CA THR B 158 2.64 -3.21 15.42
C THR B 158 3.49 -3.52 14.17
N LYS B 159 3.01 -4.41 13.33
CA LYS B 159 3.79 -4.87 12.16
C LYS B 159 3.76 -3.87 11.00
N PHE B 160 2.61 -3.24 10.76
CA PHE B 160 2.58 -2.11 9.83
C PHE B 160 3.52 -1.01 10.34
N GLY B 161 3.52 -0.82 11.67
CA GLY B 161 4.41 0.12 12.35
C GLY B 161 5.88 -0.20 12.15
N VAL B 162 6.23 -1.48 12.34
CA VAL B 162 7.60 -1.97 12.06
C VAL B 162 8.03 -1.63 10.62
N ASN B 163 7.11 -1.83 9.66
CA ASN B 163 7.40 -1.60 8.26
C ASN B 163 7.66 -0.12 7.95
N ALA B 164 6.79 0.76 8.45
CA ALA B 164 6.98 2.20 8.27
C ALA B 164 8.28 2.69 8.91
N PHE B 165 8.52 2.29 10.17
CA PHE B 165 9.72 2.64 10.93
C PHE B 165 10.95 2.22 10.11
N SER B 166 10.88 1.01 9.57
CA SER B 166 12.03 0.44 8.83
C SER B 166 12.27 1.09 7.46
N GLU B 167 11.20 1.39 6.73
CA GLU B 167 11.36 2.13 5.48
C GLU B 167 12.00 3.50 5.76
N THR B 168 11.53 4.19 6.78
CA THR B 168 12.07 5.50 7.12
C THR B 168 13.54 5.39 7.52
N LEU B 169 13.84 4.38 8.33
CA LEU B 169 15.21 4.10 8.75
C LEU B 169 16.13 3.89 7.54
N ARG B 170 15.68 3.10 6.57
CA ARG B 170 16.42 2.90 5.32
C ARG B 170 16.73 4.25 4.66
N GLN B 171 15.73 5.13 4.55
CA GLN B 171 15.98 6.47 3.97
C GLN B 171 17.07 7.24 4.72
N GLU B 172 17.12 7.05 6.04
CA GLU B 172 18.07 7.78 6.89
C GLU B 172 19.51 7.26 6.87
N VAL B 173 19.69 5.96 6.70
CA VAL B 173 21.00 5.31 6.91
C VAL B 173 21.55 4.55 5.70
N THR B 174 20.71 4.32 4.70
CA THR B 174 21.16 3.54 3.54
C THR B 174 22.38 4.17 2.83
N GLU B 175 22.42 5.51 2.74
CA GLU B 175 23.54 6.19 2.06
C GLU B 175 24.89 5.97 2.75
N ARG B 176 24.84 5.66 4.05
CA ARG B 176 26.04 5.37 4.83
C ARG B 176 26.33 3.86 4.91
N GLY B 177 25.59 3.08 4.13
CA GLY B 177 25.86 1.65 3.95
C GLY B 177 25.24 0.69 4.95
N VAL B 178 24.29 1.19 5.74
CA VAL B 178 23.54 0.32 6.64
C VAL B 178 22.29 -0.18 5.88
N ARG B 179 22.24 -1.48 5.62
CA ARG B 179 21.14 -2.10 4.88
C ARG B 179 19.99 -2.46 5.80
N VAL B 180 18.78 -2.09 5.38
CA VAL B 180 17.58 -2.41 6.13
C VAL B 180 16.75 -3.46 5.39
N VAL B 181 16.62 -4.62 6.01
CA VAL B 181 15.93 -5.76 5.43
C VAL B 181 14.68 -6.06 6.25
N VAL B 182 13.55 -6.26 5.58
CA VAL B 182 12.32 -6.59 6.25
C VAL B 182 11.79 -7.93 5.74
N ILE B 183 11.67 -8.90 6.64
CA ILE B 183 11.10 -10.20 6.25
C ILE B 183 9.65 -10.30 6.70
N GLU B 184 8.78 -10.76 5.80
CA GLU B 184 7.35 -10.84 6.06
C GLU B 184 6.82 -12.26 5.85
N PRO B 185 6.93 -13.11 6.88
CA PRO B 185 6.39 -14.46 6.77
C PRO B 185 4.87 -14.50 6.94
N GLY B 186 4.23 -15.39 6.19
CA GLY B 186 2.91 -15.86 6.53
C GLY B 186 3.02 -16.98 7.54
N THR B 187 1.94 -17.76 7.67
CA THR B 187 1.83 -18.79 8.71
C THR B 187 3.05 -19.72 8.79
N THR B 188 3.73 -19.68 9.93
CA THR B 188 4.94 -20.48 10.16
C THR B 188 4.79 -21.34 11.42
N ASP B 189 5.22 -22.59 11.34
CA ASP B 189 5.00 -23.53 12.45
C ASP B 189 5.98 -23.29 13.61
N THR B 190 5.59 -22.43 14.56
CA THR B 190 6.42 -22.06 15.72
C THR B 190 5.64 -22.12 17.05
N GLU B 191 6.24 -21.61 18.13
CA GLU B 191 5.54 -21.48 19.43
C GLU B 191 4.56 -20.28 19.51
N LEU B 192 4.64 -19.41 18.49
CA LEU B 192 3.92 -18.12 18.49
C LEU B 192 2.44 -18.19 18.89
N ARG B 193 1.69 -19.10 18.24
CA ARG B 193 0.24 -19.21 18.46
C ARG B 193 -0.16 -19.65 19.88
N GLY B 194 0.76 -20.30 20.59
CA GLY B 194 0.50 -20.80 21.95
C GLY B 194 0.22 -19.69 22.95
N HIS B 195 0.69 -18.48 22.66
CA HIS B 195 0.62 -17.38 23.62
C HIS B 195 -0.66 -16.55 23.58
N ILE B 196 -1.51 -16.80 22.58
CA ILE B 196 -2.79 -16.10 22.46
C ILE B 196 -3.60 -16.25 23.74
N THR B 197 -4.00 -15.12 24.31
CA THR B 197 -4.69 -15.10 25.62
C THR B 197 -6.21 -15.11 25.50
N HIS B 198 -6.73 -14.69 24.35
CA HIS B 198 -8.16 -14.77 24.07
C HIS B 198 -8.48 -16.18 23.56
N THR B 199 -9.07 -17.00 24.44
CA THR B 199 -9.22 -18.44 24.17
C THR B 199 -10.03 -18.77 22.92
N ALA B 200 -11.15 -18.07 22.75
CA ALA B 200 -12.01 -18.26 21.57
C ALA B 200 -11.28 -17.92 20.28
N THR B 201 -10.45 -16.89 20.30
CA THR B 201 -9.70 -16.49 19.10
C THR B 201 -8.57 -17.51 18.81
N LYS B 202 -7.90 -17.98 19.86
CA LYS B 202 -6.86 -18.99 19.70
C LYS B 202 -7.41 -20.21 18.97
N GLU B 203 -8.57 -20.68 19.41
CA GLU B 203 -9.28 -21.81 18.83
C GLU B 203 -9.62 -21.58 17.35
N MSE B 204 -10.11 -20.38 17.05
CA MSE B 204 -10.47 -20.01 15.68
C MSE B 204 -9.26 -19.95 14.75
O MSE B 204 -9.32 -20.39 13.61
CB MSE B 204 -11.19 -18.66 15.65
CG MSE B 204 -12.63 -18.72 16.11
SE MSE B 204 -13.47 -16.98 15.85
CE MSE B 204 -13.17 -16.79 13.98
N TYR B 205 -8.17 -19.40 15.28
CA TYR B 205 -6.91 -19.27 14.52
C TYR B 205 -6.34 -20.66 14.23
N GLU B 206 -6.25 -21.52 15.24
CA GLU B 206 -5.75 -22.89 15.08
C GLU B 206 -6.54 -23.62 14.00
N GLN B 207 -7.86 -23.41 14.00
CA GLN B 207 -8.74 -24.01 13.01
C GLN B 207 -8.46 -23.46 11.61
N ARG B 208 -8.28 -22.14 11.52
CA ARG B 208 -8.08 -21.46 10.26
C ARG B 208 -6.84 -21.96 9.51
N ILE B 209 -5.81 -22.35 10.26
CA ILE B 209 -4.53 -22.72 9.67
C ILE B 209 -4.30 -24.23 9.61
N SER B 210 -5.32 -25.00 9.97
CA SER B 210 -5.16 -26.45 10.15
C SER B 210 -5.11 -27.29 8.85
N GLN B 211 -5.50 -26.72 7.72
CA GLN B 211 -5.54 -27.48 6.46
C GLN B 211 -4.28 -27.33 5.59
N ILE B 212 -3.52 -26.27 5.84
CA ILE B 212 -2.37 -25.92 5.00
C ILE B 212 -1.04 -26.54 5.44
N ARG B 213 -0.11 -26.64 4.49
CA ARG B 213 1.27 -26.86 4.84
C ARG B 213 1.83 -25.52 5.29
N LYS B 214 2.17 -25.41 6.56
CA LYS B 214 2.74 -24.15 7.07
C LYS B 214 4.19 -23.96 6.61
N LEU B 215 4.63 -22.71 6.58
CA LEU B 215 6.05 -22.43 6.43
C LEU B 215 6.79 -23.00 7.64
N GLN B 216 8.07 -23.32 7.46
CA GLN B 216 8.88 -23.85 8.54
C GLN B 216 9.85 -22.76 8.98
N ALA B 217 10.27 -22.79 10.25
CA ALA B 217 11.25 -21.83 10.73
C ALA B 217 12.48 -21.78 9.78
N GLN B 218 12.94 -22.94 9.34
CA GLN B 218 14.11 -23.03 8.45
C GLN B 218 13.93 -22.28 7.11
N ASP B 219 12.69 -22.25 6.60
CA ASP B 219 12.38 -21.48 5.39
C ASP B 219 12.61 -19.99 5.59
N ILE B 220 12.20 -19.50 6.75
CA ILE B 220 12.33 -18.08 7.04
C ILE B 220 13.80 -17.75 7.27
N ALA B 221 14.50 -18.65 7.96
CA ALA B 221 15.95 -18.55 8.14
C ALA B 221 16.68 -18.43 6.80
N GLU B 222 16.22 -19.20 5.81
CA GLU B 222 16.80 -19.13 4.49
C GLU B 222 16.55 -17.79 3.79
N ALA B 223 15.37 -17.21 4.01
CA ALA B 223 15.08 -15.89 3.49
C ALA B 223 16.07 -14.90 4.08
N VAL B 224 16.30 -15.02 5.39
CA VAL B 224 17.26 -14.15 6.09
C VAL B 224 18.67 -14.34 5.53
N ARG B 225 19.10 -15.60 5.42
CA ARG B 225 20.43 -15.92 4.89
C ARG B 225 20.63 -15.32 3.49
N TYR B 226 19.61 -15.46 2.63
CA TYR B 226 19.64 -14.90 1.29
C TYR B 226 19.81 -13.36 1.29
N ALA B 227 18.98 -12.67 2.09
CA ALA B 227 19.09 -11.22 2.22
C ALA B 227 20.48 -10.77 2.72
N VAL B 228 20.98 -11.40 3.78
CA VAL B 228 22.21 -10.89 4.42
C VAL B 228 23.48 -11.26 3.63
N THR B 229 23.41 -12.32 2.84
CA THR B 229 24.57 -12.73 2.03
C THR B 229 24.55 -12.07 0.64
N ALA B 230 23.53 -11.27 0.34
CA ALA B 230 23.53 -10.48 -0.90
C ALA B 230 24.70 -9.47 -0.88
N PRO B 231 25.21 -9.09 -2.07
CA PRO B 231 26.34 -8.16 -2.04
C PRO B 231 25.92 -6.83 -1.42
N HIS B 232 26.89 -6.10 -0.84
CA HIS B 232 26.57 -4.88 -0.10
C HIS B 232 25.77 -3.82 -0.87
N HIS B 233 26.00 -3.70 -2.17
CA HIS B 233 25.29 -2.69 -2.98
C HIS B 233 23.81 -3.02 -3.19
N ALA B 234 23.39 -4.21 -2.75
CA ALA B 234 22.02 -4.66 -2.84
C ALA B 234 21.36 -4.78 -1.46
N THR B 235 20.28 -4.03 -1.29
CA THR B 235 19.44 -4.11 -0.09
C THR B 235 18.16 -4.86 -0.47
N VAL B 236 17.99 -6.06 0.06
CA VAL B 236 16.73 -6.78 -0.15
C VAL B 236 15.80 -6.27 0.93
N HIS B 237 15.07 -5.21 0.60
CA HIS B 237 14.31 -4.48 1.60
C HIS B 237 13.08 -5.25 2.07
N GLU B 238 12.49 -6.04 1.19
CA GLU B 238 11.32 -6.82 1.55
C GLU B 238 11.34 -8.19 0.90
N ILE B 239 11.06 -9.20 1.72
CA ILE B 239 10.75 -10.55 1.22
C ILE B 239 9.46 -10.97 1.87
N PHE B 240 8.43 -11.16 1.06
CA PHE B 240 7.09 -11.53 1.50
C PHE B 240 6.93 -12.99 1.11
N ILE B 241 6.91 -13.87 2.12
CA ILE B 241 6.88 -15.30 1.86
C ILE B 241 5.62 -15.90 2.48
N ARG B 242 4.81 -16.51 1.63
CA ARG B 242 3.46 -16.99 1.98
C ARG B 242 3.40 -18.52 1.86
N PRO B 243 2.57 -19.17 2.69
CA PRO B 243 2.30 -20.59 2.42
C PRO B 243 1.59 -20.73 1.06
N THR B 244 2.10 -21.60 0.22
CA THR B 244 1.50 -21.83 -1.10
C THR B 244 0.04 -22.28 -0.98
N ASP B 245 -0.27 -23.01 0.11
CA ASP B 245 -1.60 -23.55 0.31
C ASP B 245 -2.65 -22.52 0.76
N GLN B 246 -2.20 -21.32 1.13
CA GLN B 246 -3.06 -20.37 1.82
C GLN B 246 -3.42 -19.17 0.95
N VAL B 247 -4.70 -19.03 0.63
CA VAL B 247 -5.18 -17.85 -0.08
C VAL B 247 -5.08 -16.63 0.84
N PRO C 2 -28.01 27.54 -3.71
CA PRO C 2 -26.61 27.96 -3.76
C PRO C 2 -25.78 27.20 -4.81
N SER C 3 -24.83 27.92 -5.40
CA SER C 3 -24.10 27.45 -6.56
C SER C 3 -22.60 27.61 -6.35
N ALA C 4 -21.99 26.60 -5.76
CA ALA C 4 -20.55 26.60 -5.44
C ALA C 4 -19.66 26.61 -6.67
N LEU C 5 -20.21 26.19 -7.81
CA LEU C 5 -19.42 26.03 -9.03
C LEU C 5 -19.95 26.90 -10.17
N GLN C 6 -20.61 28.00 -9.81
CA GLN C 6 -21.15 28.92 -10.79
C GLN C 6 -20.06 29.42 -11.73
N GLY C 7 -20.30 29.28 -13.03
CA GLY C 7 -19.36 29.76 -14.03
C GLY C 7 -18.30 28.74 -14.47
N LYS C 8 -18.20 27.63 -13.74
CA LYS C 8 -17.20 26.61 -14.05
C LYS C 8 -17.71 25.64 -15.12
N VAL C 9 -16.78 25.00 -15.83
CA VAL C 9 -17.13 24.02 -16.84
C VAL C 9 -16.61 22.64 -16.42
N ALA C 10 -17.53 21.67 -16.37
CA ALA C 10 -17.16 20.30 -16.04
C ALA C 10 -17.43 19.37 -17.22
N LEU C 11 -16.46 18.53 -17.52
CA LEU C 11 -16.62 17.45 -18.51
C LEU C 11 -16.63 16.09 -17.78
N ILE C 12 -17.71 15.34 -17.96
CA ILE C 12 -17.91 14.10 -17.25
C ILE C 12 -18.04 12.97 -18.26
N THR C 13 -17.08 12.05 -18.27
CA THR C 13 -17.15 10.90 -19.16
C THR C 13 -17.96 9.82 -18.47
N GLY C 14 -18.59 8.95 -19.26
CA GLY C 14 -19.45 7.91 -18.71
C GLY C 14 -20.69 8.50 -18.05
N ALA C 15 -21.29 9.49 -18.69
CA ALA C 15 -22.39 10.25 -18.10
C ALA C 15 -23.77 9.68 -18.37
N SER C 16 -23.85 8.61 -19.16
CA SER C 16 -25.13 8.11 -19.65
C SER C 16 -25.89 7.28 -18.62
N SER C 17 -25.20 6.81 -17.58
CA SER C 17 -25.81 6.08 -16.49
C SER C 17 -24.94 6.09 -15.22
N GLY C 18 -25.46 5.47 -14.15
CA GLY C 18 -24.67 5.25 -12.94
C GLY C 18 -24.08 6.48 -12.28
N ILE C 19 -22.86 6.32 -11.79
CA ILE C 19 -22.10 7.39 -11.09
C ILE C 19 -21.91 8.66 -11.95
N GLY C 20 -21.58 8.49 -13.23
CA GLY C 20 -21.36 9.63 -14.13
C GLY C 20 -22.60 10.49 -14.32
N GLU C 21 -23.74 9.83 -14.49
CA GLU C 21 -25.02 10.53 -14.58
C GLU C 21 -25.29 11.35 -13.31
N ALA C 22 -25.21 10.70 -12.15
CA ALA C 22 -25.42 11.39 -10.88
C ALA C 22 -24.43 12.53 -10.67
N THR C 23 -23.18 12.33 -11.09
CA THR C 23 -22.15 13.38 -10.97
C THR C 23 -22.50 14.59 -11.85
N ALA C 24 -22.85 14.34 -13.11
CA ALA C 24 -23.27 15.42 -14.00
C ALA C 24 -24.42 16.22 -13.38
N ARG C 25 -25.40 15.51 -12.82
CA ARG C 25 -26.54 16.17 -12.18
C ARG C 25 -26.10 17.03 -11.00
N ALA C 26 -25.22 16.46 -10.17
CA ALA C 26 -24.74 17.11 -8.96
C ALA C 26 -23.95 18.38 -9.29
N LEU C 27 -23.10 18.29 -10.30
CA LEU C 27 -22.30 19.44 -10.72
C LEU C 27 -23.15 20.55 -11.35
N ALA C 28 -24.08 20.15 -12.22
CA ALA C 28 -25.06 21.09 -12.79
C ALA C 28 -25.82 21.81 -11.68
N ALA C 29 -26.27 21.08 -10.68
CA ALA C 29 -26.96 21.66 -9.52
C ALA C 29 -26.11 22.72 -8.80
N GLU C 30 -24.80 22.58 -8.86
CA GLU C 30 -23.88 23.56 -8.28
C GLU C 30 -23.61 24.74 -9.22
N GLY C 31 -24.26 24.75 -10.38
CA GLY C 31 -24.14 25.84 -11.34
C GLY C 31 -23.02 25.68 -12.36
N ALA C 32 -22.41 24.50 -12.42
CA ALA C 32 -21.43 24.20 -13.45
C ALA C 32 -22.13 23.96 -14.78
N ALA C 33 -21.55 24.48 -15.86
CA ALA C 33 -21.92 24.03 -17.19
C ALA C 33 -21.36 22.63 -17.36
N VAL C 34 -22.15 21.70 -17.89
CA VAL C 34 -21.69 20.30 -18.01
C VAL C 34 -21.60 19.79 -19.45
N ALA C 35 -20.42 19.30 -19.82
CA ALA C 35 -20.26 18.53 -21.03
C ALA C 35 -20.35 17.06 -20.64
N ILE C 36 -21.32 16.36 -21.22
CA ILE C 36 -21.65 14.98 -20.85
C ILE C 36 -21.31 14.01 -21.98
N ALA C 37 -20.43 13.05 -21.68
CA ALA C 37 -19.86 12.15 -22.67
C ALA C 37 -20.10 10.67 -22.39
N ALA C 38 -20.45 9.92 -23.43
CA ALA C 38 -20.59 8.47 -23.41
C ALA C 38 -20.94 7.99 -24.81
N ARG C 39 -21.16 6.68 -24.96
CA ARG C 39 -21.47 6.09 -26.28
C ARG C 39 -22.97 6.04 -26.62
N ARG C 40 -23.81 5.90 -25.60
CA ARG C 40 -25.26 5.89 -25.81
C ARG C 40 -25.81 7.31 -25.88
N VAL C 41 -25.79 7.90 -27.08
CA VAL C 41 -26.20 9.29 -27.26
C VAL C 41 -27.65 9.54 -26.82
N GLU C 42 -28.52 8.56 -27.08
CA GLU C 42 -29.93 8.61 -26.71
C GLU C 42 -30.11 8.87 -25.21
N LYS C 43 -29.31 8.18 -24.39
CA LYS C 43 -29.27 8.38 -22.95
C LYS C 43 -28.80 9.80 -22.61
N LEU C 44 -27.68 10.20 -23.23
CA LEU C 44 -27.11 11.54 -23.04
C LEU C 44 -28.08 12.66 -23.39
N ARG C 45 -28.75 12.54 -24.53
CA ARG C 45 -29.72 13.53 -24.98
C ARG C 45 -30.84 13.68 -23.98
N ALA C 46 -31.34 12.55 -23.47
CA ALA C 46 -32.40 12.53 -22.47
C ALA C 46 -31.95 13.21 -21.17
N LEU C 47 -30.72 12.95 -20.75
CA LEU C 47 -30.15 13.62 -19.59
C LEU C 47 -29.94 15.12 -19.86
N GLY C 48 -29.37 15.44 -21.02
CA GLY C 48 -29.15 16.83 -21.43
C GLY C 48 -30.44 17.63 -21.40
N ASP C 49 -31.48 17.07 -22.02
CA ASP C 49 -32.81 17.68 -22.05
C ASP C 49 -33.32 17.95 -20.64
N GLU C 50 -33.20 16.96 -19.76
CA GLU C 50 -33.60 17.06 -18.36
C GLU C 50 -32.86 18.22 -17.67
N LEU C 51 -31.54 18.21 -17.82
CA LEU C 51 -30.68 19.23 -17.22
C LEU C 51 -30.93 20.63 -17.78
N THR C 52 -31.03 20.73 -19.11
CA THR C 52 -31.36 22.00 -19.79
C THR C 52 -32.69 22.56 -19.28
N ALA C 53 -33.66 21.67 -19.08
CA ALA C 53 -35.00 22.03 -18.60
C ALA C 53 -35.00 22.64 -17.20
N ALA C 54 -34.02 22.24 -16.39
CA ALA C 54 -33.83 22.79 -15.05
C ALA C 54 -32.90 24.01 -15.03
N GLY C 55 -32.54 24.51 -16.21
CA GLY C 55 -31.73 25.73 -16.32
C GLY C 55 -30.22 25.53 -16.43
N ALA C 56 -29.78 24.28 -16.61
CA ALA C 56 -28.36 23.99 -16.82
C ALA C 56 -27.92 24.28 -18.25
N LYS C 57 -26.62 24.53 -18.40
CA LYS C 57 -25.97 24.67 -19.69
C LYS C 57 -25.24 23.36 -19.98
N VAL C 58 -25.58 22.73 -21.10
CA VAL C 58 -25.16 21.35 -21.38
C VAL C 58 -24.57 21.20 -22.78
N HIS C 59 -23.50 20.42 -22.90
CA HIS C 59 -22.91 20.09 -24.19
C HIS C 59 -22.84 18.57 -24.31
N VAL C 60 -23.56 18.00 -25.28
CA VAL C 60 -23.63 16.56 -25.42
C VAL C 60 -22.48 16.04 -26.31
N LEU C 61 -21.73 15.05 -25.80
CA LEU C 61 -20.60 14.47 -26.52
C LEU C 61 -20.76 12.97 -26.73
N GLU C 62 -21.01 12.56 -27.97
CA GLU C 62 -20.94 11.14 -28.30
C GLU C 62 -19.46 10.77 -28.36
N LEU C 63 -19.03 9.91 -27.44
CA LEU C 63 -17.61 9.61 -27.30
C LEU C 63 -17.33 8.22 -26.79
N ASP C 64 -16.37 7.56 -27.44
CA ASP C 64 -15.71 6.36 -26.91
C ASP C 64 -14.35 6.82 -26.36
N VAL C 65 -14.13 6.71 -25.05
CA VAL C 65 -12.88 7.21 -24.45
C VAL C 65 -11.64 6.47 -24.96
N ALA C 66 -11.85 5.27 -25.52
CA ALA C 66 -10.75 4.46 -26.03
C ALA C 66 -10.23 5.02 -27.37
N ASP C 67 -11.01 5.93 -27.95
CA ASP C 67 -10.72 6.55 -29.25
C ASP C 67 -9.89 7.82 -29.04
N ARG C 68 -8.57 7.67 -29.15
CA ARG C 68 -7.63 8.77 -28.96
C ARG C 68 -8.05 10.03 -29.72
N GLN C 69 -8.37 9.88 -31.00
CA GLN C 69 -8.84 11.00 -31.83
C GLN C 69 -10.17 11.57 -31.36
N GLY C 70 -11.08 10.68 -30.95
CA GLY C 70 -12.39 11.10 -30.44
C GLY C 70 -12.20 11.96 -29.21
N VAL C 71 -11.29 11.53 -28.33
CA VAL C 71 -10.98 12.25 -27.08
C VAL C 71 -10.54 13.70 -27.34
N ASP C 72 -9.54 13.88 -28.22
CA ASP C 72 -9.04 15.22 -28.55
C ASP C 72 -10.17 16.10 -29.10
N ALA C 73 -10.97 15.53 -29.99
CA ALA C 73 -12.12 16.24 -30.58
C ALA C 73 -13.17 16.63 -29.54
N ALA C 74 -13.42 15.75 -28.58
CA ALA C 74 -14.39 15.99 -27.50
C ALA C 74 -13.97 17.12 -26.55
N VAL C 75 -12.70 17.15 -26.18
CA VAL C 75 -12.11 18.26 -25.42
C VAL C 75 -12.20 19.58 -26.20
N ALA C 76 -11.82 19.57 -27.47
CA ALA C 76 -11.89 20.77 -28.31
C ALA C 76 -13.33 21.30 -28.45
N SER C 77 -14.26 20.38 -28.70
CA SER C 77 -15.69 20.68 -28.82
C SER C 77 -16.23 21.33 -27.55
N THR C 78 -15.77 20.82 -26.41
CA THR C 78 -16.19 21.30 -25.09
C THR C 78 -15.70 22.73 -24.81
N VAL C 79 -14.42 22.98 -25.05
CA VAL C 79 -13.83 24.31 -24.79
C VAL C 79 -14.41 25.37 -25.73
N GLU C 80 -14.75 24.95 -26.94
CA GLU C 80 -15.33 25.86 -27.92
C GLU C 80 -16.78 26.19 -27.52
N ALA C 81 -17.54 25.17 -27.12
CA ALA C 81 -18.95 25.36 -26.78
C ALA C 81 -19.16 26.05 -25.42
N LEU C 82 -18.30 25.72 -24.44
CA LEU C 82 -18.51 26.16 -23.06
C LEU C 82 -17.51 27.18 -22.52
N GLY C 83 -16.47 27.50 -23.29
CA GLY C 83 -15.54 28.58 -22.95
C GLY C 83 -14.18 28.16 -22.40
N GLY C 84 -14.13 26.98 -21.82
CA GLY C 84 -12.90 26.46 -21.20
C GLY C 84 -13.19 25.14 -20.50
N LEU C 85 -12.28 24.72 -19.62
CA LEU C 85 -12.46 23.50 -18.84
C LEU C 85 -11.89 23.67 -17.43
N ASP C 86 -12.73 23.43 -16.43
CA ASP C 86 -12.36 23.63 -15.03
C ASP C 86 -12.27 22.35 -14.21
N ILE C 87 -13.11 21.38 -14.57
CA ILE C 87 -13.19 20.09 -13.87
C ILE C 87 -13.34 18.99 -14.92
N LEU C 88 -12.49 17.96 -14.81
CA LEU C 88 -12.65 16.77 -15.64
C LEU C 88 -12.98 15.61 -14.72
N VAL C 89 -14.01 14.84 -15.05
CA VAL C 89 -14.34 13.63 -14.30
C VAL C 89 -14.19 12.42 -15.21
N ASN C 90 -13.10 11.68 -15.02
CA ASN C 90 -12.82 10.47 -15.79
C ASN C 90 -13.54 9.28 -15.19
N ASN C 91 -14.79 9.13 -15.58
CA ASN C 91 -15.67 8.15 -14.95
C ASN C 91 -16.01 6.93 -15.85
N ALA C 92 -15.98 7.12 -17.17
CA ALA C 92 -16.21 5.98 -18.09
C ALA C 92 -15.40 4.75 -17.65
N GLY C 93 -16.06 3.60 -17.60
CA GLY C 93 -15.35 2.36 -17.26
C GLY C 93 -16.21 1.11 -17.33
N ILE C 94 -15.55 -0.04 -17.39
CA ILE C 94 -16.24 -1.34 -17.43
C ILE C 94 -15.57 -2.34 -16.48
N MSE C 95 -16.36 -3.23 -15.90
CA MSE C 95 -15.83 -4.21 -14.94
C MSE C 95 -16.24 -5.60 -15.40
O MSE C 95 -17.40 -5.99 -15.28
CB MSE C 95 -16.36 -3.95 -13.52
CG MSE C 95 -15.94 -4.97 -12.52
SE MSE C 95 -16.72 -4.69 -10.77
CE MSE C 95 -18.52 -5.29 -11.17
N LEU C 96 -15.28 -6.33 -15.95
CA LEU C 96 -15.56 -7.63 -16.53
C LEU C 96 -14.82 -8.67 -15.70
N LEU C 97 -15.58 -9.30 -14.81
CA LEU C 97 -15.02 -10.22 -13.85
C LEU C 97 -14.96 -11.63 -14.39
N GLY C 98 -14.05 -12.41 -13.83
CA GLY C 98 -13.87 -13.79 -14.27
C GLY C 98 -12.45 -14.21 -13.92
N PRO C 99 -12.22 -15.53 -13.86
CA PRO C 99 -10.85 -15.98 -13.57
C PRO C 99 -9.87 -15.62 -14.70
N VAL C 100 -8.59 -15.61 -14.36
CA VAL C 100 -7.54 -15.45 -15.36
C VAL C 100 -7.49 -16.66 -16.29
N GLU C 101 -7.57 -17.85 -15.68
CA GLU C 101 -7.50 -19.11 -16.41
C GLU C 101 -8.56 -19.15 -17.51
N ASP C 102 -8.10 -19.37 -18.74
CA ASP C 102 -8.95 -19.47 -19.93
C ASP C 102 -9.90 -18.29 -20.13
N ALA C 103 -9.47 -17.12 -19.69
CA ALA C 103 -10.28 -15.91 -19.79
C ALA C 103 -10.53 -15.54 -21.25
N ASP C 104 -11.68 -14.92 -21.48
CA ASP C 104 -11.96 -14.28 -22.74
C ASP C 104 -11.13 -13.00 -22.70
N THR C 105 -10.02 -12.99 -23.44
CA THR C 105 -9.07 -11.86 -23.34
C THR C 105 -9.60 -10.54 -23.93
N THR C 106 -10.73 -10.60 -24.62
CA THR C 106 -11.40 -9.37 -25.03
C THR C 106 -11.99 -8.64 -23.82
N ASP C 107 -12.27 -9.37 -22.74
CA ASP C 107 -12.59 -8.72 -21.45
C ASP C 107 -11.46 -7.76 -21.07
N TRP C 108 -10.23 -8.25 -21.27
CA TRP C 108 -9.03 -7.55 -20.84
C TRP C 108 -8.74 -6.31 -21.66
N THR C 109 -8.79 -6.45 -22.98
CA THR C 109 -8.45 -5.37 -23.89
C THR C 109 -9.51 -4.27 -23.75
N ARG C 110 -10.77 -4.67 -23.58
CA ARG C 110 -11.84 -3.70 -23.33
C ARG C 110 -11.59 -2.91 -22.05
N MSE C 111 -11.27 -3.60 -20.94
CA MSE C 111 -11.02 -2.90 -19.67
C MSE C 111 -9.80 -1.99 -19.74
O MSE C 111 -9.84 -0.86 -19.29
CB MSE C 111 -10.89 -3.86 -18.49
CG MSE C 111 -12.21 -4.38 -18.00
SE MSE C 111 -11.96 -5.49 -16.47
CE MSE C 111 -11.10 -7.04 -17.37
N ILE C 112 -8.72 -2.48 -20.35
CA ILE C 112 -7.50 -1.67 -20.47
C ILE C 112 -7.74 -0.45 -21.34
N ASP C 113 -8.46 -0.63 -22.45
CA ASP C 113 -8.74 0.48 -23.37
C ASP C 113 -9.59 1.57 -22.74
N THR C 114 -10.61 1.16 -21.99
CA THR C 114 -11.56 2.10 -21.39
C THR C 114 -11.02 2.65 -20.07
N ASN C 115 -10.74 1.75 -19.12
CA ASN C 115 -10.42 2.08 -17.73
C ASN C 115 -9.08 2.78 -17.56
N LEU C 116 -8.10 2.36 -18.37
CA LEU C 116 -6.73 2.81 -18.23
C LEU C 116 -6.32 3.78 -19.34
N LEU C 117 -6.19 3.28 -20.58
CA LEU C 117 -5.77 4.14 -21.71
C LEU C 117 -6.72 5.31 -21.97
N GLY C 118 -8.02 5.04 -22.01
CA GLY C 118 -9.04 6.07 -22.15
C GLY C 118 -8.94 7.18 -21.12
N LEU C 119 -8.85 6.80 -19.84
CA LEU C 119 -8.66 7.76 -18.74
C LEU C 119 -7.38 8.59 -18.92
N MSE C 120 -6.29 7.93 -19.36
CA MSE C 120 -5.03 8.63 -19.64
C MSE C 120 -5.12 9.60 -20.83
O MSE C 120 -4.59 10.71 -20.76
CB MSE C 120 -3.91 7.61 -19.89
CG MSE C 120 -3.59 6.75 -18.70
SE MSE C 120 -2.44 5.23 -19.22
CE MSE C 120 -1.90 4.82 -17.43
N TYR C 121 -5.74 9.15 -21.91
CA TYR C 121 -5.94 10.00 -23.09
C TYR C 121 -6.73 11.25 -22.70
N MSE C 122 -7.83 11.06 -21.99
N MSE C 122 -7.84 11.04 -21.99
CA MSE C 122 -8.69 12.19 -21.60
CA MSE C 122 -8.71 12.13 -21.55
C MSE C 122 -7.99 13.13 -20.61
C MSE C 122 -7.94 13.11 -20.65
O MSE C 122 -8.12 14.35 -20.71
O MSE C 122 -7.98 14.32 -20.88
CB MSE C 122 -10.05 11.70 -21.09
CB MSE C 122 -9.92 11.57 -20.82
CG MSE C 122 -11.01 12.80 -20.67
CG MSE C 122 -11.03 11.06 -21.72
SE MSE C 122 -11.28 14.21 -21.99
SE MSE C 122 -11.77 12.44 -22.90
CE MSE C 122 -12.89 13.56 -22.88
CE MSE C 122 -12.27 13.80 -21.60
N THR C 123 -7.24 12.56 -19.66
CA THR C 123 -6.38 13.36 -18.77
C THR C 123 -5.40 14.23 -19.57
N ARG C 124 -4.69 13.62 -20.50
CA ARG C 124 -3.68 14.31 -21.30
C ARG C 124 -4.29 15.43 -22.16
N ALA C 125 -5.45 15.15 -22.75
CA ALA C 125 -6.10 16.11 -23.63
C ALA C 125 -6.62 17.32 -22.86
N ALA C 126 -7.18 17.08 -21.68
CA ALA C 126 -7.74 18.17 -20.85
C ALA C 126 -6.66 19.02 -20.17
N LEU C 127 -5.49 18.42 -19.95
CA LEU C 127 -4.47 19.03 -19.09
C LEU C 127 -4.04 20.45 -19.48
N PRO C 128 -3.84 20.74 -20.79
CA PRO C 128 -3.48 22.13 -21.07
C PRO C 128 -4.55 23.13 -20.62
N HIS C 129 -5.81 22.72 -20.69
CA HIS C 129 -6.93 23.57 -20.30
C HIS C 129 -7.03 23.72 -18.78
N LEU C 130 -6.82 22.61 -18.07
CA LEU C 130 -6.80 22.59 -16.62
C LEU C 130 -5.64 23.38 -16.05
N LEU C 131 -4.49 23.35 -16.74
CA LEU C 131 -3.37 24.19 -16.33
C LEU C 131 -3.74 25.68 -16.37
N ARG C 132 -4.40 26.09 -17.44
CA ARG C 132 -4.86 27.47 -17.60
C ARG C 132 -5.87 27.88 -16.54
N SER C 133 -6.79 26.97 -16.19
CA SER C 133 -7.85 27.30 -15.23
C SER C 133 -7.51 26.94 -13.78
N LYS C 134 -6.33 26.36 -13.55
CA LYS C 134 -5.98 25.79 -12.24
C LYS C 134 -7.10 24.85 -11.77
N GLY C 135 -7.43 23.94 -12.68
CA GLY C 135 -8.63 23.15 -12.55
C GLY C 135 -8.39 21.87 -11.78
N THR C 136 -9.39 20.98 -11.83
CA THR C 136 -9.36 19.75 -11.05
C THR C 136 -9.68 18.57 -11.95
N VAL C 137 -8.86 17.52 -11.86
CA VAL C 137 -9.19 16.25 -12.53
C VAL C 137 -9.60 15.22 -11.47
N VAL C 138 -10.78 14.64 -11.69
CA VAL C 138 -11.33 13.63 -10.79
C VAL C 138 -11.29 12.30 -11.50
N GLN C 139 -10.51 11.37 -10.95
CA GLN C 139 -10.36 10.01 -11.45
C GLN C 139 -11.27 9.07 -10.71
N MSE C 140 -12.15 8.39 -11.44
CA MSE C 140 -13.02 7.39 -10.84
C MSE C 140 -12.29 6.06 -10.78
O MSE C 140 -12.28 5.31 -11.75
CB MSE C 140 -14.34 7.24 -11.61
CG MSE C 140 -15.40 6.47 -10.84
SE MSE C 140 -15.92 7.39 -9.16
CE MSE C 140 -16.31 9.10 -9.90
N SER C 141 -11.65 5.80 -9.64
CA SER C 141 -11.01 4.53 -9.43
C SER C 141 -12.04 3.57 -8.83
N SER C 142 -11.64 2.84 -7.79
CA SER C 142 -12.46 1.80 -7.20
C SER C 142 -11.78 1.31 -5.95
N ILE C 143 -12.57 0.63 -5.11
CA ILE C 143 -12.03 -0.26 -4.10
C ILE C 143 -11.04 -1.24 -4.74
N ALA C 144 -11.31 -1.61 -5.99
CA ALA C 144 -10.43 -2.46 -6.80
C ALA C 144 -9.06 -1.85 -7.10
N GLY C 145 -8.92 -0.55 -6.84
CA GLY C 145 -7.62 0.11 -6.89
C GLY C 145 -6.87 0.04 -5.57
N ARG C 146 -7.48 -0.54 -4.54
CA ARG C 146 -6.92 -0.58 -3.18
C ARG C 146 -6.88 -1.99 -2.59
N VAL C 147 -7.80 -2.84 -3.03
CA VAL C 147 -8.01 -4.19 -2.48
C VAL C 147 -8.14 -5.19 -3.63
N ASN C 148 -7.41 -6.31 -3.58
CA ASN C 148 -7.52 -7.38 -4.57
C ASN C 148 -8.38 -8.55 -4.08
N VAL C 149 -9.40 -8.89 -4.84
CA VAL C 149 -10.22 -10.09 -4.58
C VAL C 149 -10.18 -11.01 -5.79
N ARG C 150 -10.56 -12.28 -5.60
N ARG C 150 -10.60 -12.26 -5.61
CA ARG C 150 -10.55 -13.27 -6.68
CA ARG C 150 -10.57 -13.25 -6.67
C ARG C 150 -11.48 -12.87 -7.81
C ARG C 150 -11.50 -12.86 -7.81
N ASN C 151 -11.13 -13.29 -9.03
CA ASN C 151 -11.94 -13.06 -10.24
C ASN C 151 -12.04 -11.63 -10.73
N ALA C 152 -11.13 -10.78 -10.26
CA ALA C 152 -11.10 -9.40 -10.72
C ALA C 152 -9.68 -8.97 -11.08
N ALA C 153 -8.84 -9.92 -11.50
CA ALA C 153 -7.41 -9.64 -11.70
C ALA C 153 -7.13 -8.43 -12.61
N VAL C 154 -7.70 -8.45 -13.81
CA VAL C 154 -7.42 -7.39 -14.78
C VAL C 154 -8.14 -6.07 -14.44
N TYR C 155 -9.36 -6.17 -13.90
CA TYR C 155 -10.07 -4.97 -13.42
C TYR C 155 -9.21 -4.28 -12.37
N GLN C 156 -8.78 -5.05 -11.38
CA GLN C 156 -7.88 -4.54 -10.33
C GLN C 156 -6.56 -3.98 -10.89
N ALA C 157 -5.97 -4.67 -11.85
CA ALA C 157 -4.80 -4.13 -12.55
C ALA C 157 -5.08 -2.72 -13.13
N THR C 158 -6.23 -2.53 -13.77
CA THR C 158 -6.54 -1.22 -14.37
C THR C 158 -6.71 -0.14 -13.30
N LYS C 159 -7.34 -0.51 -12.19
CA LYS C 159 -7.63 0.48 -11.14
C LYS C 159 -6.40 0.84 -10.28
N PHE C 160 -5.58 -0.16 -9.90
CA PHE C 160 -4.29 0.14 -9.27
C PHE C 160 -3.46 0.99 -10.23
N GLY C 161 -3.56 0.70 -11.53
CA GLY C 161 -2.87 1.50 -12.54
C GLY C 161 -3.33 2.95 -12.56
N VAL C 162 -4.65 3.17 -12.55
CA VAL C 162 -5.22 4.53 -12.50
C VAL C 162 -4.64 5.27 -11.28
N ASN C 163 -4.60 4.58 -10.13
CA ASN C 163 -4.11 5.20 -8.90
C ASN C 163 -2.64 5.63 -8.99
N ALA C 164 -1.79 4.73 -9.51
CA ALA C 164 -0.37 5.06 -9.67
C ALA C 164 -0.18 6.19 -10.70
N PHE C 165 -0.85 6.07 -11.85
CA PHE C 165 -0.85 7.16 -12.86
C PHE C 165 -1.22 8.50 -12.25
N SER C 166 -2.30 8.48 -11.46
CA SER C 166 -2.85 9.71 -10.85
C SER C 166 -1.99 10.31 -9.74
N GLU C 167 -1.37 9.46 -8.90
CA GLU C 167 -0.42 10.00 -7.91
C GLU C 167 0.79 10.63 -8.60
N THR C 168 1.29 9.97 -9.64
CA THR C 168 2.40 10.54 -10.38
C THR C 168 2.00 11.84 -11.05
N LEU C 169 0.82 11.85 -11.68
CA LEU C 169 0.28 13.08 -12.25
C LEU C 169 0.23 14.23 -11.22
N ARG C 170 -0.27 13.93 -10.02
CA ARG C 170 -0.31 14.92 -8.93
C ARG C 170 1.08 15.50 -8.68
N GLN C 171 2.08 14.63 -8.55
CA GLN C 171 3.45 15.12 -8.37
C GLN C 171 3.91 16.07 -9.48
N GLU C 172 3.50 15.78 -10.72
CA GLU C 172 3.89 16.55 -11.91
C GLU C 172 3.17 17.89 -12.09
N VAL C 173 1.91 17.97 -11.67
CA VAL C 173 1.10 19.17 -11.97
C VAL C 173 0.64 19.97 -10.75
N THR C 174 0.78 19.41 -9.55
CA THR C 174 0.14 20.03 -8.38
C THR C 174 0.69 21.42 -8.09
N GLU C 175 1.98 21.62 -8.33
CA GLU C 175 2.59 22.94 -8.07
C GLU C 175 2.07 24.00 -9.04
N ARG C 176 1.55 23.58 -10.18
CA ARG C 176 0.96 24.53 -11.15
C ARG C 176 -0.55 24.69 -10.93
N GLY C 177 -1.04 24.13 -9.82
CA GLY C 177 -2.40 24.38 -9.38
C GLY C 177 -3.49 23.47 -9.94
N VAL C 178 -3.08 22.40 -10.64
CA VAL C 178 -4.04 21.39 -11.09
C VAL C 178 -4.20 20.34 -9.98
N ARG C 179 -5.41 20.20 -9.48
CA ARG C 179 -5.66 19.28 -8.38
C ARG C 179 -6.04 17.92 -8.93
N VAL C 180 -5.41 16.87 -8.38
CA VAL C 180 -5.72 15.50 -8.78
C VAL C 180 -6.46 14.79 -7.64
N VAL C 181 -7.71 14.44 -7.92
CA VAL C 181 -8.61 13.81 -6.97
C VAL C 181 -8.87 12.38 -7.45
N VAL C 182 -8.80 11.41 -6.54
CA VAL C 182 -9.11 10.02 -6.87
C VAL C 182 -10.20 9.50 -5.96
N ILE C 183 -11.31 9.06 -6.58
CA ILE C 183 -12.47 8.60 -5.85
C ILE C 183 -12.48 7.09 -5.99
N GLU C 184 -12.67 6.40 -4.87
CA GLU C 184 -12.58 4.95 -4.83
C GLU C 184 -13.86 4.38 -4.22
N PRO C 185 -14.91 4.21 -5.04
CA PRO C 185 -16.13 3.59 -4.51
C PRO C 185 -16.02 2.09 -4.34
N GLY C 186 -16.68 1.58 -3.30
CA GLY C 186 -17.02 0.15 -3.21
C GLY C 186 -18.32 -0.10 -3.97
N THR C 187 -18.96 -1.24 -3.68
CA THR C 187 -20.18 -1.67 -4.40
C THR C 187 -21.25 -0.57 -4.45
N THR C 188 -21.56 -0.16 -5.67
CA THR C 188 -22.50 0.93 -5.94
C THR C 188 -23.57 0.43 -6.93
N ASP C 189 -24.81 0.79 -6.65
CA ASP C 189 -25.97 0.28 -7.40
C ASP C 189 -26.09 0.96 -8.77
N THR C 190 -25.37 0.39 -9.74
CA THR C 190 -25.37 0.91 -11.11
C THR C 190 -25.58 -0.23 -12.10
N GLU C 191 -25.43 0.09 -13.39
CA GLU C 191 -25.52 -0.89 -14.48
C GLU C 191 -24.23 -1.69 -14.67
N LEU C 192 -23.18 -1.34 -13.93
CA LEU C 192 -21.84 -1.89 -14.16
C LEU C 192 -21.85 -3.42 -14.26
N ARG C 193 -22.51 -4.07 -13.29
CA ARG C 193 -22.44 -5.51 -13.18
C ARG C 193 -23.10 -6.25 -14.33
N GLY C 194 -24.06 -5.59 -14.98
CA GLY C 194 -24.77 -6.16 -16.11
C GLY C 194 -23.87 -6.65 -17.24
N HIS C 195 -22.67 -6.07 -17.35
CA HIS C 195 -21.79 -6.34 -18.49
C HIS C 195 -20.82 -7.50 -18.32
N ILE C 196 -20.71 -8.04 -17.11
CA ILE C 196 -19.83 -9.18 -16.83
C ILE C 196 -20.16 -10.33 -17.79
N THR C 197 -19.15 -10.84 -18.48
CA THR C 197 -19.33 -11.85 -19.54
C THR C 197 -19.16 -13.28 -19.03
N HIS C 198 -18.39 -13.46 -17.96
CA HIS C 198 -18.19 -14.79 -17.37
C HIS C 198 -19.37 -15.15 -16.48
N THR C 199 -20.26 -15.99 -17.02
CA THR C 199 -21.55 -16.27 -16.42
C THR C 199 -21.49 -16.69 -14.94
N ALA C 200 -20.67 -17.68 -14.64
CA ALA C 200 -20.51 -18.17 -13.27
C ALA C 200 -20.09 -17.04 -12.33
N THR C 201 -19.16 -16.21 -12.77
CA THR C 201 -18.65 -15.10 -11.96
C THR C 201 -19.71 -14.00 -11.76
N LYS C 202 -20.42 -13.67 -12.84
CA LYS C 202 -21.53 -12.72 -12.76
C LYS C 202 -22.53 -13.14 -11.69
N GLU C 203 -22.90 -14.41 -11.70
CA GLU C 203 -23.87 -14.94 -10.75
C GLU C 203 -23.31 -14.93 -9.32
N MSE C 204 -22.03 -15.28 -9.17
CA MSE C 204 -21.36 -15.20 -7.88
C MSE C 204 -21.34 -13.78 -7.33
O MSE C 204 -21.61 -13.53 -6.15
CB MSE C 204 -19.92 -15.72 -7.99
CG MSE C 204 -19.82 -17.22 -7.86
SE MSE C 204 -17.99 -17.73 -8.11
CE MSE C 204 -17.20 -16.75 -6.68
N TYR C 205 -21.01 -12.83 -8.21
CA TYR C 205 -20.92 -11.43 -7.83
C TYR C 205 -22.30 -10.90 -7.38
N GLU C 206 -23.32 -11.19 -8.18
CA GLU C 206 -24.67 -10.69 -7.89
C GLU C 206 -25.19 -11.25 -6.58
N GLN C 207 -24.84 -12.50 -6.29
CA GLN C 207 -25.23 -13.13 -5.03
C GLN C 207 -24.57 -12.47 -3.82
N ARG C 208 -23.28 -12.17 -3.96
CA ARG C 208 -22.49 -11.51 -2.92
C ARG C 208 -23.07 -10.13 -2.58
N ILE C 209 -23.34 -9.33 -3.61
CA ILE C 209 -23.78 -7.95 -3.38
C ILE C 209 -25.25 -7.80 -3.01
N SER C 210 -26.05 -8.82 -3.27
CA SER C 210 -27.48 -8.79 -2.92
C SER C 210 -27.72 -8.70 -1.41
N GLN C 211 -26.69 -9.04 -0.64
CA GLN C 211 -26.81 -9.18 0.81
C GLN C 211 -26.43 -7.91 1.60
N ILE C 212 -26.10 -6.84 0.87
CA ILE C 212 -25.66 -5.59 1.48
C ILE C 212 -26.51 -4.41 0.97
N ARG C 213 -26.63 -3.37 1.79
CA ARG C 213 -27.10 -2.09 1.30
C ARG C 213 -25.98 -1.49 0.46
N LYS C 214 -26.24 -1.30 -0.83
CA LYS C 214 -25.22 -0.81 -1.76
C LYS C 214 -25.07 0.71 -1.66
N LEU C 215 -23.88 1.20 -2.00
CA LEU C 215 -23.69 2.63 -2.22
C LEU C 215 -24.59 3.09 -3.35
N GLN C 216 -25.04 4.33 -3.28
CA GLN C 216 -25.87 4.90 -4.33
C GLN C 216 -25.03 5.78 -5.25
N ALA C 217 -25.40 5.86 -6.52
CA ALA C 217 -24.65 6.72 -7.45
C ALA C 217 -24.61 8.15 -6.90
N GLN C 218 -25.70 8.59 -6.29
CA GLN C 218 -25.74 9.91 -5.63
C GLN C 218 -24.71 10.09 -4.49
N ASP C 219 -24.41 9.01 -3.75
CA ASP C 219 -23.38 9.05 -2.72
C ASP C 219 -22.02 9.39 -3.33
N ILE C 220 -21.69 8.76 -4.45
CA ILE C 220 -20.40 8.96 -5.12
C ILE C 220 -20.33 10.37 -5.71
N ALA C 221 -21.45 10.82 -6.29
CA ALA C 221 -21.57 12.21 -6.75
C ALA C 221 -21.31 13.22 -5.63
N GLU C 222 -21.77 12.92 -4.42
CA GLU C 222 -21.54 13.82 -3.27
C GLU C 222 -20.06 13.86 -2.86
N ALA C 223 -19.40 12.71 -3.00
CA ALA C 223 -17.96 12.64 -2.77
C ALA C 223 -17.22 13.55 -3.74
N VAL C 224 -17.58 13.46 -5.03
CA VAL C 224 -17.00 14.32 -6.08
C VAL C 224 -17.27 15.80 -5.75
N ARG C 225 -18.52 16.09 -5.37
CA ARG C 225 -18.93 17.44 -5.03
C ARG C 225 -18.08 18.00 -3.89
N TYR C 226 -17.94 17.22 -2.83
CA TYR C 226 -17.08 17.60 -1.71
C TYR C 226 -15.64 17.89 -2.15
N ALA C 227 -15.03 16.98 -2.88
CA ALA C 227 -13.65 17.17 -3.37
C ALA C 227 -13.46 18.44 -4.22
N VAL C 228 -14.36 18.67 -5.18
CA VAL C 228 -14.17 19.77 -6.13
C VAL C 228 -14.53 21.15 -5.56
N THR C 229 -15.35 21.17 -4.52
CA THR C 229 -15.74 22.44 -3.86
C THR C 229 -14.82 22.82 -2.69
N ALA C 230 -13.90 21.93 -2.33
CA ALA C 230 -12.83 22.25 -1.37
C ALA C 230 -12.03 23.45 -1.89
N PRO C 231 -11.52 24.32 -0.99
CA PRO C 231 -10.77 25.50 -1.43
C PRO C 231 -9.56 25.08 -2.26
N HIS C 232 -9.11 25.93 -3.18
CA HIS C 232 -8.06 25.54 -4.12
C HIS C 232 -6.80 24.99 -3.46
N HIS C 233 -6.42 25.55 -2.32
CA HIS C 233 -5.21 25.13 -1.62
C HIS C 233 -5.29 23.72 -1.06
N ALA C 234 -6.49 23.12 -1.09
CA ALA C 234 -6.67 21.76 -0.61
C ALA C 234 -6.90 20.77 -1.76
N THR C 235 -6.05 19.74 -1.86
CA THR C 235 -6.29 18.66 -2.80
C THR C 235 -6.75 17.40 -2.07
N VAL C 236 -7.99 17.01 -2.30
CA VAL C 236 -8.52 15.81 -1.67
C VAL C 236 -8.11 14.66 -2.58
N HIS C 237 -6.91 14.14 -2.37
CA HIS C 237 -6.34 13.24 -3.34
C HIS C 237 -7.02 11.88 -3.38
N GLU C 238 -7.55 11.42 -2.26
CA GLU C 238 -8.21 10.13 -2.21
C GLU C 238 -9.45 10.16 -1.32
N ILE C 239 -10.57 9.67 -1.84
CA ILE C 239 -11.74 9.38 -0.99
C ILE C 239 -12.09 7.93 -1.24
N PHE C 240 -11.98 7.12 -0.19
CA PHE C 240 -12.26 5.69 -0.24
C PHE C 240 -13.59 5.49 0.52
N ILE C 241 -14.66 5.26 -0.25
CA ILE C 241 -15.98 5.13 0.32
C ILE C 241 -16.50 3.70 0.12
N ARG C 242 -16.88 3.05 1.22
CA ARG C 242 -17.24 1.62 1.22
C ARG C 242 -18.67 1.44 1.71
N PRO C 243 -19.37 0.37 1.25
CA PRO C 243 -20.62 0.05 1.93
C PRO C 243 -20.35 -0.31 3.38
N THR C 244 -21.07 0.33 4.30
CA THR C 244 -20.99 -0.03 5.72
C THR C 244 -21.25 -1.53 5.95
N ASP C 245 -22.08 -2.13 5.10
CA ASP C 245 -22.53 -3.50 5.33
C ASP C 245 -21.53 -4.54 4.87
N GLN C 246 -20.45 -4.10 4.26
CA GLN C 246 -19.55 -5.02 3.61
C GLN C 246 -18.15 -5.06 4.23
N VAL C 247 -17.82 -6.21 4.83
CA VAL C 247 -16.43 -6.45 5.26
C VAL C 247 -15.52 -6.50 4.02
N SER D 3 -28.70 21.14 10.44
CA SER D 3 -28.98 20.35 11.68
C SER D 3 -28.90 18.85 11.42
N ALA D 4 -27.95 18.44 10.58
CA ALA D 4 -27.78 17.04 10.19
C ALA D 4 -27.47 16.10 11.38
N LEU D 5 -26.90 16.65 12.45
CA LEU D 5 -26.51 15.86 13.62
C LEU D 5 -27.31 16.20 14.88
N GLN D 6 -28.49 16.78 14.68
CA GLN D 6 -29.36 17.13 15.80
C GLN D 6 -29.67 15.92 16.65
N GLY D 7 -29.48 16.05 17.96
CA GLY D 7 -29.73 14.96 18.89
C GLY D 7 -28.59 13.95 19.01
N LYS D 8 -27.58 14.05 18.15
CA LYS D 8 -26.42 13.15 18.22
C LYS D 8 -25.38 13.69 19.22
N VAL D 9 -24.53 12.79 19.72
CA VAL D 9 -23.51 13.14 20.70
C VAL D 9 -22.12 12.81 20.15
N ALA D 10 -21.24 13.81 20.11
CA ALA D 10 -19.85 13.58 19.66
C ALA D 10 -18.82 13.78 20.79
N LEU D 11 -17.84 12.90 20.86
CA LEU D 11 -16.74 13.06 21.80
C LEU D 11 -15.48 13.30 21.00
N ILE D 12 -14.87 14.47 21.19
CA ILE D 12 -13.67 14.82 20.42
C ILE D 12 -12.48 14.92 21.35
N THR D 13 -11.45 14.10 21.09
CA THR D 13 -10.21 14.19 21.88
C THR D 13 -9.26 15.16 21.18
N GLY D 14 -8.36 15.77 21.95
CA GLY D 14 -7.49 16.84 21.44
C GLY D 14 -8.28 18.05 20.96
N ALA D 15 -9.25 18.47 21.77
CA ALA D 15 -10.16 19.53 21.35
C ALA D 15 -9.69 20.94 21.75
N SER D 16 -8.58 21.01 22.48
CA SER D 16 -8.11 22.27 23.06
C SER D 16 -7.43 23.21 22.04
N SER D 17 -6.98 22.64 20.93
CA SER D 17 -6.42 23.42 19.82
C SER D 17 -6.53 22.70 18.48
N GLY D 18 -6.09 23.37 17.42
CA GLY D 18 -5.86 22.76 16.13
C GLY D 18 -7.08 22.15 15.45
N ILE D 19 -6.86 20.98 14.86
CA ILE D 19 -7.90 20.24 14.15
C ILE D 19 -9.08 19.86 15.05
N GLY D 20 -8.77 19.36 16.25
CA GLY D 20 -9.81 18.95 17.20
C GLY D 20 -10.76 20.07 17.59
N GLU D 21 -10.21 21.26 17.85
CA GLU D 21 -11.02 22.45 18.15
C GLU D 21 -11.95 22.82 16.98
N ALA D 22 -11.40 22.85 15.77
CA ALA D 22 -12.21 23.13 14.58
C ALA D 22 -13.29 22.05 14.37
N THR D 23 -12.95 20.79 14.63
CA THR D 23 -13.89 19.67 14.47
C THR D 23 -15.05 19.75 15.48
N ALA D 24 -14.73 20.05 16.74
CA ALA D 24 -15.75 20.26 17.77
C ALA D 24 -16.73 21.36 17.34
N ARG D 25 -16.18 22.47 16.86
CA ARG D 25 -16.96 23.59 16.35
C ARG D 25 -17.89 23.22 15.20
N ALA D 26 -17.34 22.45 14.25
CA ALA D 26 -18.08 22.02 13.07
C ALA D 26 -19.21 21.06 13.42
N LEU D 27 -18.94 20.13 14.35
CA LEU D 27 -19.94 19.15 14.74
C LEU D 27 -21.06 19.81 15.56
N ALA D 28 -20.66 20.67 16.50
CA ALA D 28 -21.60 21.49 17.26
C ALA D 28 -22.50 22.29 16.34
N ALA D 29 -21.92 22.85 15.27
CA ALA D 29 -22.66 23.67 14.30
C ALA D 29 -23.77 22.89 13.59
N GLU D 30 -23.53 21.60 13.38
CA GLU D 30 -24.50 20.69 12.77
C GLU D 30 -25.54 20.16 13.78
N GLY D 31 -25.51 20.66 15.02
CA GLY D 31 -26.48 20.27 16.03
C GLY D 31 -26.08 19.18 17.02
N ALA D 32 -24.84 18.69 16.95
CA ALA D 32 -24.37 17.68 17.90
C ALA D 32 -24.10 18.29 19.28
N ALA D 33 -24.39 17.50 20.32
CA ALA D 33 -23.86 17.78 21.66
C ALA D 33 -22.42 17.30 21.65
N VAL D 34 -21.52 18.12 22.19
CA VAL D 34 -20.10 17.81 22.10
C VAL D 34 -19.44 17.64 23.47
N ALA D 35 -18.72 16.54 23.62
CA ALA D 35 -17.87 16.31 24.77
C ALA D 35 -16.45 16.56 24.29
N ILE D 36 -15.80 17.56 24.89
CA ILE D 36 -14.49 18.03 24.41
C ILE D 36 -13.37 17.67 25.40
N ALA D 37 -12.42 16.87 24.92
CA ALA D 37 -11.40 16.28 25.77
C ALA D 37 -9.98 16.68 25.40
N ALA D 38 -9.20 17.05 26.43
CA ALA D 38 -7.79 17.42 26.30
C ALA D 38 -7.19 17.61 27.69
N ARG D 39 -5.92 17.98 27.76
CA ARG D 39 -5.25 18.21 29.05
C ARG D 39 -5.31 19.66 29.53
N ARG D 40 -5.35 20.60 28.60
CA ARG D 40 -5.43 22.02 28.96
C ARG D 40 -6.87 22.43 29.21
N VAL D 41 -7.33 22.24 30.46
CA VAL D 41 -8.72 22.52 30.83
C VAL D 41 -9.15 23.95 30.56
N GLU D 42 -8.27 24.91 30.80
CA GLU D 42 -8.61 26.33 30.63
C GLU D 42 -8.90 26.70 29.18
N LYS D 43 -8.18 26.08 28.25
CA LYS D 43 -8.51 26.22 26.83
C LYS D 43 -9.84 25.55 26.48
N LEU D 44 -10.07 24.36 27.06
CA LEU D 44 -11.32 23.62 26.86
C LEU D 44 -12.53 24.38 27.36
N ARG D 45 -12.42 24.96 28.56
CA ARG D 45 -13.52 25.75 29.12
C ARG D 45 -13.83 26.98 28.26
N ALA D 46 -12.79 27.59 27.69
CA ALA D 46 -12.96 28.75 26.82
C ALA D 46 -13.68 28.39 25.51
N LEU D 47 -13.35 27.21 24.97
CA LEU D 47 -14.04 26.68 23.80
C LEU D 47 -15.48 26.31 24.16
N GLY D 48 -15.63 25.63 25.30
CA GLY D 48 -16.95 25.21 25.78
C GLY D 48 -17.90 26.39 25.93
N ASP D 49 -17.39 27.52 26.42
CA ASP D 49 -18.21 28.72 26.55
C ASP D 49 -18.64 29.26 25.19
N GLU D 50 -17.71 29.29 24.22
CA GLU D 50 -18.03 29.70 22.87
C GLU D 50 -19.11 28.80 22.29
N LEU D 51 -18.91 27.49 22.40
CA LEU D 51 -19.85 26.51 21.84
C LEU D 51 -21.24 26.59 22.48
N THR D 52 -21.28 26.74 23.80
CA THR D 52 -22.54 26.93 24.53
C THR D 52 -23.24 28.22 24.10
N ALA D 53 -22.46 29.30 23.96
CA ALA D 53 -23.00 30.59 23.49
C ALA D 53 -23.63 30.46 22.10
N ALA D 54 -23.11 29.52 21.32
CA ALA D 54 -23.60 29.26 19.95
C ALA D 54 -24.81 28.32 19.90
N GLY D 55 -25.20 27.78 21.05
CA GLY D 55 -26.40 26.95 21.16
C GLY D 55 -26.17 25.48 21.44
N ALA D 56 -24.91 25.07 21.57
CA ALA D 56 -24.59 23.66 21.79
C ALA D 56 -24.59 23.24 23.26
N LYS D 57 -24.88 21.96 23.48
CA LYS D 57 -24.71 21.36 24.80
C LYS D 57 -23.27 20.87 24.84
N VAL D 58 -22.54 21.23 25.90
CA VAL D 58 -21.10 20.90 25.97
C VAL D 58 -20.76 20.15 27.27
N HIS D 59 -19.95 19.10 27.17
CA HIS D 59 -19.42 18.43 28.36
C HIS D 59 -17.89 18.52 28.31
N VAL D 60 -17.30 19.14 29.34
CA VAL D 60 -15.83 19.34 29.36
C VAL D 60 -15.10 18.17 30.04
N LEU D 61 -14.11 17.61 29.35
CA LEU D 61 -13.34 16.47 29.88
C LEU D 61 -11.86 16.79 29.98
N GLU D 62 -11.34 16.88 31.21
CA GLU D 62 -9.90 16.87 31.41
C GLU D 62 -9.47 15.42 31.25
N LEU D 63 -8.54 15.20 30.32
CA LEU D 63 -8.18 13.85 29.93
C LEU D 63 -6.79 13.76 29.32
N ASP D 64 -6.02 12.82 29.85
CA ASP D 64 -4.81 12.31 29.21
C ASP D 64 -5.25 11.01 28.53
N VAL D 65 -5.22 10.99 27.20
CA VAL D 65 -5.65 9.82 26.46
C VAL D 65 -4.73 8.58 26.69
N ALA D 66 -3.48 8.83 27.09
CA ALA D 66 -2.53 7.76 27.41
C ALA D 66 -2.92 7.00 28.67
N ASP D 67 -3.79 7.59 29.48
CA ASP D 67 -4.23 7.04 30.77
C ASP D 67 -5.51 6.22 30.58
N ARG D 68 -5.39 4.88 30.60
CA ARG D 68 -6.54 4.02 30.31
C ARG D 68 -7.74 4.26 31.23
N GLN D 69 -7.48 4.30 32.54
CA GLN D 69 -8.51 4.60 33.53
C GLN D 69 -9.25 5.91 33.19
N GLY D 70 -8.46 6.99 33.01
CA GLY D 70 -9.02 8.29 32.68
C GLY D 70 -9.90 8.22 31.43
N VAL D 71 -9.48 7.40 30.46
CA VAL D 71 -10.23 7.22 29.22
C VAL D 71 -11.61 6.60 29.48
N ASP D 72 -11.62 5.50 30.24
CA ASP D 72 -12.87 4.82 30.62
C ASP D 72 -13.83 5.72 31.39
N ALA D 73 -13.27 6.58 32.25
CA ALA D 73 -14.05 7.53 33.04
C ALA D 73 -14.62 8.66 32.18
N ALA D 74 -13.86 9.07 31.16
CA ALA D 74 -14.33 10.12 30.25
C ALA D 74 -15.52 9.66 29.41
N VAL D 75 -15.47 8.42 28.94
CA VAL D 75 -16.59 7.82 28.21
C VAL D 75 -17.84 7.73 29.07
N ALA D 76 -17.71 7.14 30.27
CA ALA D 76 -18.80 7.04 31.23
C ALA D 76 -19.42 8.41 31.59
N SER D 77 -18.55 9.38 31.87
CA SER D 77 -18.96 10.75 32.25
C SER D 77 -19.86 11.39 31.17
N THR D 78 -19.45 11.19 29.92
CA THR D 78 -20.12 11.69 28.73
C THR D 78 -21.53 11.13 28.54
N VAL D 79 -21.66 9.75 28.68
CA VAL D 79 -22.97 9.07 28.56
C VAL D 79 -23.94 9.49 29.67
N GLU D 80 -23.39 9.68 30.87
CA GLU D 80 -24.15 10.21 32.01
C GLU D 80 -24.65 11.65 31.69
N ALA D 81 -23.71 12.51 31.25
CA ALA D 81 -24.00 13.94 30.96
C ALA D 81 -24.86 14.16 29.71
N LEU D 82 -24.60 13.38 28.65
CA LEU D 82 -25.16 13.68 27.31
C LEU D 82 -26.12 12.65 26.72
N GLY D 83 -26.24 11.48 27.36
CA GLY D 83 -27.28 10.51 26.97
C GLY D 83 -26.79 9.28 26.25
N GLY D 84 -25.64 9.40 25.59
CA GLY D 84 -25.08 8.29 24.82
C GLY D 84 -23.86 8.77 24.08
N LEU D 85 -23.48 8.03 23.04
CA LEU D 85 -22.34 8.38 22.22
C LEU D 85 -22.61 7.93 20.79
N ASP D 86 -22.61 8.89 19.87
CA ASP D 86 -22.90 8.66 18.46
C ASP D 86 -21.66 8.79 17.59
N ILE D 87 -20.77 9.71 17.96
CA ILE D 87 -19.58 10.01 17.17
C ILE D 87 -18.38 10.11 18.09
N LEU D 88 -17.32 9.37 17.76
CA LEU D 88 -16.06 9.52 18.46
C LEU D 88 -15.02 10.05 17.49
N VAL D 89 -14.33 11.12 17.89
CA VAL D 89 -13.21 11.64 17.10
C VAL D 89 -11.90 11.48 17.87
N ASN D 90 -11.08 10.53 17.45
CA ASN D 90 -9.79 10.30 18.10
C ASN D 90 -8.73 11.20 17.51
N ASN D 91 -8.67 12.44 17.98
CA ASN D 91 -7.80 13.45 17.37
C ASN D 91 -6.52 13.78 18.16
N ALA D 92 -6.53 13.54 19.47
CA ALA D 92 -5.33 13.75 20.29
C ALA D 92 -4.12 13.09 19.64
N GLY D 93 -3.05 13.87 19.48
CA GLY D 93 -1.81 13.39 18.86
C GLY D 93 -0.67 14.36 19.05
N ILE D 94 0.55 13.83 18.95
CA ILE D 94 1.78 14.62 18.97
C ILE D 94 2.76 14.17 17.89
N MSE D 95 3.50 15.12 17.34
CA MSE D 95 4.46 14.82 16.28
C MSE D 95 5.86 15.26 16.70
O MSE D 95 6.22 16.44 16.65
CB MSE D 95 4.05 15.48 14.97
CG MSE D 95 4.91 15.08 13.79
SE MSE D 95 4.49 16.04 12.17
CE MSE D 95 5.02 17.82 12.71
N LEU D 96 6.68 14.28 17.07
CA LEU D 96 8.03 14.53 17.54
C LEU D 96 9.03 14.02 16.52
N LEU D 97 9.56 14.94 15.71
CA LEU D 97 10.40 14.58 14.56
C LEU D 97 11.87 14.59 14.92
N GLY D 98 12.65 13.76 14.23
CA GLY D 98 14.08 13.67 14.45
C GLY D 98 14.63 12.38 13.87
N PRO D 99 15.96 12.29 13.70
CA PRO D 99 16.54 11.02 13.23
C PRO D 99 16.31 9.89 14.23
N VAL D 100 16.35 8.65 13.74
CA VAL D 100 16.32 7.46 14.60
C VAL D 100 17.62 7.41 15.40
N GLU D 101 18.73 7.70 14.71
CA GLU D 101 20.08 7.71 15.30
C GLU D 101 20.17 8.63 16.53
N ASP D 102 20.61 8.05 17.64
CA ASP D 102 20.82 8.78 18.91
C ASP D 102 19.56 9.57 19.33
N ALA D 103 18.39 9.06 18.94
CA ALA D 103 17.13 9.73 19.25
C ALA D 103 16.87 9.80 20.76
N ASP D 104 16.20 10.87 21.18
CA ASP D 104 15.67 10.95 22.53
C ASP D 104 14.47 10.01 22.53
N THR D 105 14.59 8.89 23.23
CA THR D 105 13.57 7.84 23.17
C THR D 105 12.26 8.16 23.91
N THR D 106 12.27 9.21 24.74
CA THR D 106 11.03 9.70 25.33
C THR D 106 10.10 10.28 24.26
N ASP D 107 10.69 10.79 23.17
CA ASP D 107 9.92 11.17 21.98
C ASP D 107 9.03 10.00 21.54
N TRP D 108 9.63 8.81 21.50
CA TRP D 108 8.96 7.60 21.00
C TRP D 108 7.87 7.12 21.93
N THR D 109 8.18 7.07 23.22
CA THR D 109 7.22 6.54 24.18
C THR D 109 6.01 7.46 24.27
N ARG D 110 6.24 8.78 24.24
CA ARG D 110 5.15 9.76 24.23
C ARG D 110 4.25 9.56 23.01
N MSE D 111 4.87 9.42 21.84
CA MSE D 111 4.11 9.24 20.58
C MSE D 111 3.29 7.96 20.56
O MSE D 111 2.13 7.96 20.17
CB MSE D 111 5.02 9.32 19.36
CG MSE D 111 5.28 10.72 18.90
SE MSE D 111 6.27 10.80 17.24
CE MSE D 111 8.02 10.15 17.89
N ILE D 112 3.90 6.86 20.98
CA ILE D 112 3.18 5.59 21.03
C ILE D 112 2.01 5.66 22.02
N ASP D 113 2.28 6.21 23.22
CA ASP D 113 1.28 6.29 24.26
C ASP D 113 0.06 7.08 23.79
N THR D 114 0.31 8.20 23.11
CA THR D 114 -0.75 9.15 22.73
C THR D 114 -1.40 8.77 21.40
N ASN D 115 -0.58 8.66 20.36
CA ASN D 115 -1.08 8.46 18.98
C ASN D 115 -1.68 7.08 18.73
N LEU D 116 -1.10 6.08 19.38
CA LEU D 116 -1.47 4.70 19.15
C LEU D 116 -2.29 4.14 20.30
N LEU D 117 -1.66 3.92 21.44
CA LEU D 117 -2.34 3.34 22.60
C LEU D 117 -3.58 4.14 23.05
N GLY D 118 -3.43 5.46 23.15
CA GLY D 118 -4.53 6.31 23.62
C GLY D 118 -5.72 6.22 22.68
N LEU D 119 -5.42 6.21 21.39
CA LEU D 119 -6.44 6.07 20.35
C LEU D 119 -7.14 4.71 20.45
N MSE D 120 -6.36 3.65 20.67
CA MSE D 120 -6.92 2.32 20.89
C MSE D 120 -7.75 2.23 22.16
O MSE D 120 -8.85 1.66 22.14
CB MSE D 120 -5.79 1.28 20.94
CG MSE D 120 -4.99 1.26 19.69
SE MSE D 120 -3.45 0.12 19.92
CE MSE D 120 -3.25 -0.28 18.09
N TYR D 121 -7.24 2.81 23.25
CA TYR D 121 -7.97 2.87 24.51
C TYR D 121 -9.34 3.52 24.31
N MSE D 122 -9.33 4.69 23.67
CA MSE D 122 -10.56 5.44 23.50
C MSE D 122 -11.52 4.70 22.55
O MSE D 122 -12.72 4.67 22.78
CB MSE D 122 -10.29 6.87 23.04
CG MSE D 122 -11.54 7.66 22.79
SE MSE D 122 -12.54 7.96 24.44
CE MSE D 122 -11.08 8.79 25.39
N THR D 123 -10.98 4.09 21.50
CA THR D 123 -11.80 3.29 20.58
C THR D 123 -12.54 2.17 21.31
N ARG D 124 -11.79 1.40 22.10
CA ARG D 124 -12.33 0.29 22.88
C ARG D 124 -13.38 0.75 23.90
N ALA D 125 -13.10 1.86 24.58
CA ALA D 125 -14.00 2.36 25.61
C ALA D 125 -15.33 2.84 25.04
N ALA D 126 -15.28 3.48 23.87
CA ALA D 126 -16.46 4.01 23.18
C ALA D 126 -17.30 2.94 22.49
N LEU D 127 -16.66 1.85 22.12
CA LEU D 127 -17.26 0.82 21.26
C LEU D 127 -18.62 0.27 21.73
N PRO D 128 -18.77 -0.12 23.02
CA PRO D 128 -20.12 -0.54 23.46
C PRO D 128 -21.21 0.46 23.09
N HIS D 129 -20.93 1.74 23.28
CA HIS D 129 -21.92 2.81 23.07
C HIS D 129 -22.21 3.06 21.59
N LEU D 130 -21.15 2.96 20.78
CA LEU D 130 -21.25 3.15 19.33
C LEU D 130 -22.01 2.02 18.68
N LEU D 131 -21.83 0.81 19.21
CA LEU D 131 -22.62 -0.35 18.76
C LEU D 131 -24.12 -0.14 18.97
N ARG D 132 -24.51 0.32 20.15
CA ARG D 132 -25.93 0.57 20.39
C ARG D 132 -26.49 1.64 19.43
N SER D 133 -25.72 2.70 19.23
CA SER D 133 -26.18 3.86 18.45
C SER D 133 -25.95 3.72 16.96
N LYS D 134 -25.26 2.65 16.53
CA LYS D 134 -24.83 2.48 15.15
C LYS D 134 -24.03 3.73 14.72
N GLY D 135 -23.09 4.11 15.58
CA GLY D 135 -22.36 5.37 15.45
C GLY D 135 -21.13 5.32 14.56
N THR D 136 -20.30 6.35 14.66
CA THR D 136 -19.14 6.50 13.79
C THR D 136 -17.91 6.82 14.62
N VAL D 137 -16.84 6.07 14.38
CA VAL D 137 -15.55 6.46 14.94
C VAL D 137 -14.67 7.08 13.85
N VAL D 138 -14.18 8.28 14.15
CA VAL D 138 -13.29 9.00 13.24
C VAL D 138 -11.86 9.01 13.81
N GLN D 139 -10.94 8.38 13.06
CA GLN D 139 -9.52 8.26 13.43
C GLN D 139 -8.72 9.37 12.75
N MSE D 140 -8.08 10.22 13.52
CA MSE D 140 -7.27 11.27 12.93
C MSE D 140 -5.87 10.71 12.67
O MSE D 140 -5.01 10.71 13.55
CB MSE D 140 -7.22 12.52 13.80
CG MSE D 140 -6.59 13.73 13.11
SE MSE D 140 -7.57 14.34 11.51
CE MSE D 140 -9.35 14.53 12.31
N SER D 141 -5.66 10.24 11.44
CA SER D 141 -4.36 9.75 11.03
C SER D 141 -3.59 10.91 10.41
N SER D 142 -2.90 10.67 9.30
CA SER D 142 -2.02 11.67 8.72
C SER D 142 -1.56 11.16 7.37
N ILE D 143 -1.03 12.06 6.53
CA ILE D 143 -0.16 11.67 5.41
C ILE D 143 0.94 10.70 5.88
N ALA D 144 1.32 10.84 7.15
CA ALA D 144 2.34 10.00 7.77
C ALA D 144 1.90 8.54 7.97
N GLY D 145 0.61 8.29 7.78
CA GLY D 145 0.08 6.93 7.77
C GLY D 145 0.01 6.33 6.37
N ARG D 146 0.40 7.13 5.37
CA ARG D 146 0.38 6.73 3.95
C ARG D 146 1.74 6.85 3.25
N VAL D 147 2.54 7.81 3.69
CA VAL D 147 3.83 8.16 3.06
C VAL D 147 4.93 8.29 4.12
N ASN D 148 6.07 7.64 3.87
CA ASN D 148 7.23 7.76 4.75
C ASN D 148 8.24 8.77 4.23
N VAL D 149 8.54 9.78 5.03
CA VAL D 149 9.68 10.68 4.79
C VAL D 149 10.72 10.59 5.91
N ARG D 150 11.93 11.07 5.63
CA ARG D 150 13.00 11.09 6.62
C ARG D 150 12.68 11.90 7.87
N ASN D 151 13.23 11.46 9.00
CA ASN D 151 13.15 12.15 10.29
C ASN D 151 11.74 12.12 10.90
N ALA D 152 10.95 11.14 10.48
CA ALA D 152 9.60 10.96 11.00
C ALA D 152 9.30 9.49 11.26
N ALA D 153 10.34 8.70 11.51
CA ALA D 153 10.21 7.23 11.54
C ALA D 153 9.16 6.71 12.51
N VAL D 154 9.24 7.16 13.77
CA VAL D 154 8.35 6.67 14.81
C VAL D 154 6.95 7.29 14.71
N TYR D 155 6.88 8.56 14.32
CA TYR D 155 5.59 9.21 14.03
C TYR D 155 4.85 8.39 12.96
N GLN D 156 5.56 8.10 11.87
CA GLN D 156 5.01 7.27 10.79
C GLN D 156 4.59 5.86 11.25
N ALA D 157 5.41 5.23 12.09
CA ALA D 157 5.04 3.95 12.70
C ALA D 157 3.68 4.04 13.41
N THR D 158 3.49 5.08 14.23
CA THR D 158 2.21 5.26 14.95
C THR D 158 1.03 5.43 14.00
N LYS D 159 1.22 6.18 12.92
CA LYS D 159 0.10 6.51 12.02
C LYS D 159 -0.23 5.37 11.05
N PHE D 160 0.79 4.71 10.49
CA PHE D 160 0.55 3.45 9.80
C PHE D 160 -0.16 2.44 10.73
N GLY D 161 0.26 2.39 12.01
CA GLY D 161 -0.40 1.55 13.00
C GLY D 161 -1.87 1.86 13.21
N VAL D 162 -2.18 3.15 13.40
CA VAL D 162 -3.57 3.64 13.49
C VAL D 162 -4.38 3.11 12.29
N ASN D 163 -3.81 3.23 11.09
CA ASN D 163 -4.50 2.82 9.88
C ASN D 163 -4.82 1.33 9.83
N ALA D 164 -3.82 0.50 10.16
CA ALA D 164 -4.01 -0.96 10.24
C ALA D 164 -5.05 -1.32 11.30
N PHE D 165 -4.86 -0.79 12.51
CA PHE D 165 -5.83 -0.96 13.59
C PHE D 165 -7.24 -0.63 13.11
N SER D 166 -7.36 0.47 12.40
CA SER D 166 -8.68 1.00 12.02
C SER D 166 -9.31 0.21 10.88
N GLU D 167 -8.50 -0.25 9.92
CA GLU D 167 -9.03 -1.15 8.88
C GLU D 167 -9.52 -2.46 9.50
N THR D 168 -8.75 -2.99 10.43
CA THR D 168 -9.15 -4.22 11.13
C THR D 168 -10.39 -4.01 11.97
N LEU D 169 -10.41 -2.89 12.69
CA LEU D 169 -11.58 -2.52 13.46
C LEU D 169 -12.80 -2.50 12.54
N ARG D 170 -12.65 -1.89 11.36
CA ARG D 170 -13.75 -1.83 10.38
C ARG D 170 -14.27 -3.23 10.07
N GLN D 171 -13.36 -4.15 9.73
CA GLN D 171 -13.76 -5.55 9.50
C GLN D 171 -14.55 -6.17 10.66
N GLU D 172 -14.14 -5.87 11.88
CA GLU D 172 -14.77 -6.45 13.06
C GLU D 172 -16.14 -5.87 13.41
N VAL D 173 -16.37 -4.61 13.09
CA VAL D 173 -17.57 -3.91 13.60
C VAL D 173 -18.49 -3.31 12.54
N THR D 174 -18.05 -3.29 11.29
CA THR D 174 -18.85 -2.67 10.23
C THR D 174 -20.23 -3.30 10.03
N GLU D 175 -20.31 -4.63 10.11
CA GLU D 175 -21.57 -5.33 9.90
C GLU D 175 -22.59 -5.03 10.98
N ARG D 176 -22.11 -4.62 12.16
CA ARG D 176 -23.01 -4.18 13.24
C ARG D 176 -23.31 -2.69 13.22
N GLY D 177 -22.93 -2.02 12.13
CA GLY D 177 -23.36 -0.62 11.92
C GLY D 177 -22.46 0.45 12.51
N VAL D 178 -21.27 0.06 12.97
CA VAL D 178 -20.30 1.04 13.44
C VAL D 178 -19.38 1.38 12.28
N ARG D 179 -19.45 2.63 11.85
CA ARG D 179 -18.66 3.11 10.72
C ARG D 179 -17.32 3.59 11.19
N VAL D 180 -16.28 3.19 10.46
CA VAL D 180 -14.90 3.55 10.77
C VAL D 180 -14.34 4.45 9.67
N VAL D 181 -14.03 5.68 10.07
CA VAL D 181 -13.59 6.74 9.16
C VAL D 181 -12.17 7.14 9.54
N VAL D 182 -11.27 7.17 8.56
CA VAL D 182 -9.90 7.57 8.79
C VAL D 182 -9.58 8.81 7.99
N ILE D 183 -9.18 9.87 8.68
CA ILE D 183 -8.86 11.13 8.00
C ILE D 183 -7.35 11.27 7.97
N GLU D 184 -6.81 11.64 6.81
CA GLU D 184 -5.35 11.68 6.59
C GLU D 184 -4.91 13.05 6.06
N PRO D 185 -4.72 14.01 6.96
CA PRO D 185 -4.27 15.32 6.52
C PRO D 185 -2.78 15.40 6.18
N GLY D 186 -2.46 16.23 5.19
CA GLY D 186 -1.10 16.68 5.01
C GLY D 186 -0.92 17.91 5.87
N THR D 187 0.14 18.67 5.59
CA THR D 187 0.53 19.84 6.39
C THR D 187 -0.62 20.80 6.67
N THR D 188 -0.91 20.96 7.96
CA THR D 188 -2.02 21.79 8.42
C THR D 188 -1.51 22.80 9.46
N ASP D 189 -1.96 24.05 9.35
CA ASP D 189 -1.47 25.10 10.23
C ASP D 189 -2.06 25.04 11.65
N THR D 190 -1.36 24.30 12.51
CA THR D 190 -1.75 24.09 13.91
C THR D 190 -0.55 24.25 14.85
N GLU D 191 -0.73 23.89 16.13
CA GLU D 191 0.31 23.97 17.16
C GLU D 191 1.25 22.76 17.14
N LEU D 192 0.92 21.78 16.30
CA LEU D 192 1.60 20.50 16.30
C LEU D 192 3.12 20.63 16.22
N ARG D 193 3.59 21.41 15.25
CA ARG D 193 5.04 21.49 14.97
C ARG D 193 5.85 22.15 16.09
N GLY D 194 5.17 22.96 16.91
CA GLY D 194 5.80 23.60 18.08
C GLY D 194 6.38 22.64 19.12
N HIS D 195 5.89 21.39 19.15
CA HIS D 195 6.29 20.43 20.18
C HIS D 195 7.54 19.61 19.84
N ILE D 196 8.05 19.74 18.62
CA ILE D 196 9.25 19.02 18.17
C ILE D 196 10.46 19.29 19.07
N THR D 197 11.05 18.22 19.62
CA THR D 197 12.15 18.36 20.59
C THR D 197 13.53 18.40 19.95
N HIS D 198 13.67 17.79 18.77
CA HIS D 198 14.93 17.78 18.03
C HIS D 198 15.02 19.09 17.25
N THR D 199 15.84 20.01 17.77
CA THR D 199 15.90 21.42 17.31
C THR D 199 16.26 21.55 15.83
N ALA D 200 17.28 20.83 15.39
CA ALA D 200 17.74 20.84 14.01
C ALA D 200 16.65 20.39 13.04
N THR D 201 15.95 19.32 13.39
CA THR D 201 14.84 18.82 12.58
C THR D 201 13.67 19.82 12.59
N LYS D 202 13.40 20.41 13.75
CA LYS D 202 12.32 21.40 13.85
C LYS D 202 12.55 22.52 12.84
N GLU D 203 13.79 23.03 12.79
CA GLU D 203 14.16 24.10 11.87
C GLU D 203 14.05 23.69 10.38
N MSE D 204 14.47 22.46 10.07
CA MSE D 204 14.35 21.94 8.70
C MSE D 204 12.89 21.79 8.28
O MSE D 204 12.53 22.13 7.16
CB MSE D 204 15.05 20.58 8.55
CG MSE D 204 16.51 20.57 8.91
SE MSE D 204 17.35 18.91 8.35
CE MSE D 204 15.99 17.64 8.79
N TYR D 205 12.06 21.27 9.19
CA TYR D 205 10.66 21.04 8.90
C TYR D 205 9.93 22.35 8.65
N GLU D 206 10.20 23.34 9.49
CA GLU D 206 9.57 24.64 9.39
C GLU D 206 10.01 25.42 8.14
N GLN D 207 11.23 25.16 7.68
CA GLN D 207 11.69 25.68 6.40
C GLN D 207 11.00 24.97 5.24
N ARG D 208 10.90 23.65 5.35
CA ARG D 208 10.24 22.79 4.35
C ARG D 208 8.85 23.28 3.99
N ILE D 209 8.09 23.71 5.01
CA ILE D 209 6.69 24.08 4.82
C ILE D 209 6.48 25.59 4.73
N SER D 210 7.57 26.35 4.71
CA SER D 210 7.51 27.82 4.74
C SER D 210 6.92 28.46 3.49
N GLN D 211 6.96 27.77 2.35
CA GLN D 211 6.52 28.37 1.09
C GLN D 211 5.09 28.04 0.63
N ILE D 212 4.53 26.95 1.15
CA ILE D 212 3.23 26.47 0.70
C ILE D 212 2.04 27.15 1.40
N ARG D 213 0.90 27.19 0.72
CA ARG D 213 -0.36 27.45 1.41
C ARG D 213 -0.68 26.16 2.18
N LYS D 214 -0.64 26.24 3.50
CA LYS D 214 -0.91 25.05 4.32
C LYS D 214 -2.41 24.79 4.36
N LEU D 215 -2.79 23.55 4.63
CA LEU D 215 -4.16 23.23 4.97
C LEU D 215 -4.54 23.97 6.27
N GLN D 216 -5.81 24.28 6.41
CA GLN D 216 -6.31 24.97 7.60
C GLN D 216 -7.07 23.95 8.46
N ALA D 217 -7.08 24.14 9.77
CA ALA D 217 -7.80 23.23 10.67
C ALA D 217 -9.27 23.06 10.24
N GLN D 218 -9.83 24.16 9.74
CA GLN D 218 -11.23 24.23 9.30
C GLN D 218 -11.47 23.31 8.10
N ASP D 219 -10.45 23.18 7.23
CA ASP D 219 -10.53 22.26 6.07
C ASP D 219 -10.68 20.83 6.53
N ILE D 220 -9.90 20.46 7.56
CA ILE D 220 -9.92 19.09 8.08
C ILE D 220 -11.25 18.81 8.80
N ALA D 221 -11.72 19.78 9.59
CA ALA D 221 -13.05 19.69 10.20
C ALA D 221 -14.15 19.45 9.14
N GLU D 222 -14.03 20.09 7.99
CA GLU D 222 -14.98 19.89 6.91
C GLU D 222 -14.96 18.46 6.37
N ALA D 223 -13.76 17.87 6.29
CA ALA D 223 -13.59 16.47 5.90
C ALA D 223 -14.35 15.56 6.87
N VAL D 224 -14.19 15.82 8.17
CA VAL D 224 -14.89 15.06 9.20
C VAL D 224 -16.40 15.24 9.03
N ARG D 225 -16.83 16.49 8.88
CA ARG D 225 -18.25 16.80 8.71
C ARG D 225 -18.83 16.02 7.54
N TYR D 226 -18.12 16.03 6.40
CA TYR D 226 -18.55 15.29 5.22
C TYR D 226 -18.71 13.79 5.53
N ALA D 227 -17.69 13.19 6.15
CA ALA D 227 -17.71 11.76 6.45
C ALA D 227 -18.85 11.36 7.40
N VAL D 228 -19.08 12.13 8.45
CA VAL D 228 -20.02 11.72 9.50
C VAL D 228 -21.48 12.00 9.11
N THR D 229 -21.67 12.94 8.18
CA THR D 229 -23.02 13.28 7.72
C THR D 229 -23.45 12.47 6.50
N ALA D 230 -22.55 11.62 5.99
CA ALA D 230 -22.90 10.71 4.90
C ALA D 230 -23.96 9.75 5.43
N PRO D 231 -24.83 9.24 4.54
CA PRO D 231 -25.87 8.31 5.01
C PRO D 231 -25.27 7.05 5.62
N HIS D 232 -26.00 6.43 6.56
CA HIS D 232 -25.40 5.35 7.36
C HIS D 232 -24.85 4.18 6.54
N HIS D 233 -25.48 3.88 5.40
CA HIS D 233 -25.03 2.79 4.54
C HIS D 233 -23.66 3.03 3.86
N ALA D 234 -23.15 4.25 3.98
CA ALA D 234 -21.87 4.63 3.39
C ALA D 234 -20.82 4.89 4.46
N THR D 235 -19.68 4.23 4.33
CA THR D 235 -18.57 4.47 5.23
C THR D 235 -17.46 5.14 4.42
N VAL D 236 -17.20 6.41 4.71
CA VAL D 236 -16.07 7.09 4.08
C VAL D 236 -14.84 6.67 4.87
N HIS D 237 -14.24 5.55 4.46
CA HIS D 237 -13.19 4.94 5.25
C HIS D 237 -11.88 5.71 5.25
N GLU D 238 -11.58 6.39 4.16
CA GLU D 238 -10.36 7.18 4.08
C GLU D 238 -10.61 8.45 3.29
N ILE D 239 -10.11 9.57 3.82
CA ILE D 239 -10.03 10.85 3.09
C ILE D 239 -8.60 11.32 3.28
N PHE D 240 -7.88 11.41 2.18
CA PHE D 240 -6.47 11.77 2.15
C PHE D 240 -6.47 13.15 1.52
N ILE D 241 -6.15 14.16 2.33
CA ILE D 241 -6.24 15.55 1.93
C ILE D 241 -4.85 16.22 2.04
N ARG D 242 -4.35 16.71 0.91
CA ARG D 242 -2.97 17.21 0.82
C ARG D 242 -3.00 18.70 0.46
N PRO D 243 -1.97 19.45 0.87
CA PRO D 243 -1.83 20.81 0.33
C PRO D 243 -1.57 20.75 -1.17
N THR D 244 -2.31 21.53 -1.97
CA THR D 244 -2.12 21.56 -3.42
C THR D 244 -0.69 21.98 -3.80
N ASP D 245 -0.11 22.86 -3.00
CA ASP D 245 1.21 23.40 -3.29
C ASP D 245 2.36 22.43 -3.05
N GLN D 246 2.07 21.28 -2.46
CA GLN D 246 3.14 20.42 -1.94
C GLN D 246 3.25 19.10 -2.70
N VAL D 247 4.37 18.92 -3.41
CA VAL D 247 4.66 17.65 -4.04
C VAL D 247 4.81 16.59 -2.94
PA NDP E . 16.44 -4.69 -21.21
O1A NDP E . 16.05 -3.75 -22.29
O2A NDP E . 17.89 -5.01 -21.27
O5B NDP E . 15.60 -6.05 -21.35
C5B NDP E . 14.27 -6.05 -21.82
C4B NDP E . 14.06 -7.34 -22.58
O4B NDP E . 12.73 -7.42 -23.01
C3B NDP E . 14.94 -7.40 -23.82
O3B NDP E . 15.44 -8.73 -23.94
C2B NDP E . 13.99 -7.14 -24.96
O2B NDP E . 14.46 -7.90 -26.04
C1B NDP E . 12.71 -7.71 -24.40
N9A NDP E . 11.48 -7.17 -24.99
C8A NDP E . 11.07 -5.85 -25.03
N7A NDP E . 9.86 -5.81 -25.65
C5A NDP E . 9.49 -7.07 -25.98
C6A NDP E . 8.36 -7.59 -26.61
N6A NDP E . 7.34 -6.77 -26.95
N1A NDP E . 8.25 -8.96 -26.81
C2A NDP E . 9.26 -9.80 -26.37
N3A NDP E . 10.39 -9.28 -25.75
C4A NDP E . 10.49 -7.94 -25.55
O3 NDP E . 16.02 -4.08 -19.78
PN NDP E . 15.84 -4.89 -18.40
O1N NDP E . 16.15 -3.92 -17.31
O2N NDP E . 16.63 -6.15 -18.45
O5D NDP E . 14.27 -5.14 -18.47
C5D NDP E . 13.64 -6.37 -18.14
C4D NDP E . 12.53 -6.15 -17.12
O4D NDP E . 13.10 -5.62 -15.95
C3D NDP E . 11.44 -5.16 -17.55
O3D NDP E . 10.20 -5.74 -17.26
C2D NDP E . 11.68 -3.94 -16.69
O2D NDP E . 10.50 -3.17 -16.51
C1D NDP E . 12.23 -4.63 -15.43
N1N NDP E . 12.99 -3.72 -14.52
C2N NDP E . 14.17 -3.14 -14.90
C3N NDP E . 14.90 -2.34 -14.03
C7N NDP E . 16.18 -1.66 -14.43
O7N NDP E . 16.55 -0.51 -13.72
N7N NDP E . 16.93 -2.12 -15.44
C4N NDP E . 14.39 -2.07 -12.62
C5N NDP E . 13.09 -2.76 -12.33
C6N NDP E . 12.45 -3.55 -13.27
P2B NDP E . 14.00 -7.71 -27.57
O1X NDP E . 14.96 -8.60 -28.34
O2X NDP E . 12.58 -8.18 -27.71
O3X NDP E . 14.16 -6.29 -28.03
PA NDP F . 8.12 -17.97 18.88
O1A NDP F . 7.23 -17.74 20.03
O2A NDP F . 8.52 -19.38 18.68
O5B NDP F . 9.39 -16.98 18.97
C5B NDP F . 9.29 -15.72 19.59
C4B NDP F . 10.64 -15.45 20.23
O4B NDP F . 10.66 -14.15 20.79
C3B NDP F . 10.92 -16.42 21.36
O3B NDP F . 12.26 -16.89 21.25
C2B NDP F . 10.73 -15.61 22.61
O2B NDP F . 11.68 -16.10 23.53
C1B NDP F . 11.09 -14.22 22.13
N9A NDP F . 10.51 -13.11 22.94
C8A NDP F . 9.19 -12.85 23.21
N7A NDP F . 9.13 -11.73 23.96
C5A NDP F . 10.40 -11.29 24.17
C6A NDP F . 10.92 -10.19 24.86
N6A NDP F . 10.11 -9.31 25.44
N1A NDP F . 12.29 -10.00 24.89
C2A NDP F . 13.15 -10.87 24.23
N3A NDP F . 12.62 -11.96 23.54
C4A NDP F . 11.27 -12.15 23.51
O3 NDP F . 7.33 -17.50 17.57
PN NDP F . 7.98 -17.05 16.15
O1N NDP F . 6.94 -17.32 15.14
O2N NDP F . 9.34 -17.62 16.02
O5D NDP F . 8.03 -15.45 16.29
C5D NDP F . 9.20 -14.72 15.98
C4D NDP F . 8.86 -13.53 15.11
O4D NDP F . 8.33 -13.93 13.86
C3D NDP F . 7.85 -12.58 15.75
O3D NDP F . 8.28 -11.25 15.53
C2D NDP F . 6.58 -12.87 14.97
O2D NDP F . 5.68 -11.78 14.99
C1D NDP F . 7.14 -13.19 13.60
N1N NDP F . 6.24 -13.94 12.72
C2N NDP F . 5.80 -15.22 13.00
C3N NDP F . 4.88 -15.88 12.18
C7N NDP F . 4.36 -17.25 12.51
O7N NDP F . 3.22 -17.72 11.81
N7N NDP F . 4.98 -17.99 13.43
C4N NDP F . 4.36 -15.22 10.92
C5N NDP F . 4.93 -13.86 10.70
C6N NDP F . 5.83 -13.29 11.59
P2B NDP F . 11.65 -15.88 25.13
O1X NDP F . 12.71 -16.81 25.65
O2X NDP F . 11.98 -14.43 25.41
O3X NDP F . 10.28 -16.20 25.66
PA NDP G . -22.28 2.12 -15.39
O1A NDP G . -22.22 0.97 -16.32
O2A NDP G . -23.66 2.51 -15.03
O5B NDP G . -21.58 3.42 -16.04
C5B NDP G . -20.42 3.34 -16.83
C4B NDP G . -20.49 4.54 -17.76
O4B NDP G . -19.38 4.56 -18.63
C3B NDP G . -21.71 4.45 -18.65
O3B NDP G . -22.22 5.77 -18.78
C2B NDP G . -21.20 3.97 -19.99
O2B NDP G . -22.06 4.51 -20.97
C1B NDP G . -19.81 4.59 -19.98
N9A NDP G . -18.80 3.89 -20.80
C8A NDP G . -18.38 2.59 -20.72
N7A NDP G . -17.41 2.41 -21.65
C5A NDP G . -17.20 3.59 -22.30
C6A NDP G . -16.33 3.98 -23.32
N6A NDP G . -15.60 3.08 -23.99
N1A NDP G . -16.36 5.28 -23.77
C2A NDP G . -17.21 6.21 -23.20
N3A NDP G . -18.07 5.81 -22.20
C4A NDP G . -18.05 4.53 -21.76
O3 NDP G . -21.45 1.72 -14.06
PN NDP G . -20.76 2.73 -13.00
O1N NDP G . -20.61 1.92 -11.76
O2N NDP G . -21.53 3.98 -12.91
O5D NDP G . -19.30 2.93 -13.64
C5D NDP G . -18.65 4.20 -13.66
C4D NDP G . -17.29 4.09 -12.99
O4D NDP G . -17.46 3.73 -11.63
C3D NDP G . -16.39 3.02 -13.65
O3D NDP G . -15.11 3.56 -13.89
C2D NDP G . -16.32 1.94 -12.59
O2D NDP G . -15.11 1.20 -12.64
C1D NDP G . -16.47 2.77 -11.31
N1N NDP G . -16.85 2.02 -10.12
C2N NDP G . -18.07 1.41 -10.02
C3N NDP G . -18.43 0.70 -8.87
C7N NDP G . -19.78 0.03 -8.77
O7N NDP G . -19.97 -0.93 -7.76
N7N NDP G . -20.77 0.36 -9.61
C4N NDP G . -17.47 0.59 -7.70
C5N NDP G . -16.18 1.30 -7.92
C6N NDP G . -15.91 1.98 -9.11
P2B NDP G . -22.09 4.11 -22.54
O1X NDP G . -23.24 4.90 -23.13
O2X NDP G . -20.81 4.57 -23.18
O3X NDP G . -22.31 2.62 -22.69
PA NDP H . -2.32 20.51 17.93
O1A NDP H . -1.09 20.41 18.77
O2A NDP H . -2.82 21.90 17.73
O5B NDP H . -3.48 19.60 18.55
C5B NDP H . -3.19 18.43 19.27
C4B NDP H . -4.26 18.26 20.32
O4B NDP H . -4.05 17.02 20.98
C3B NDP H . -4.12 19.37 21.35
O3B NDP H . -5.38 19.97 21.61
C2B NDP H . -3.62 18.66 22.59
O2B NDP H . -4.26 19.23 23.69
C1B NDP H . -4.10 17.23 22.38
N9A NDP H . -3.30 16.22 23.10
C8A NDP H . -1.96 15.97 22.96
N7A NDP H . -1.63 14.97 23.81
C5A NDP H . -2.74 14.56 24.47
C6A NDP H . -2.95 13.58 25.44
N6A NDP H . -1.93 12.90 25.96
N1A NDP H . -4.23 13.40 25.93
C2A NDP H . -5.27 14.18 25.48
N3A NDP H . -5.05 15.17 24.52
C4A NDP H . -3.80 15.35 24.03
O3 NDP H . -1.96 19.82 16.52
PN NDP H . -3.00 19.21 15.45
O1N NDP H . -2.30 19.35 14.15
O2N NDP H . -4.38 19.79 15.58
O5D NDP H . -3.01 17.66 15.88
C5D NDP H . -4.20 16.91 15.92
C4D NDP H . -4.06 15.60 15.14
O4D NDP H . -3.89 15.88 13.76
C3D NDP H . -2.86 14.76 15.58
O3D NDP H . -3.30 13.43 15.79
C2D NDP H . -1.91 14.86 14.42
O2D NDP H . -1.12 13.70 14.26
C1D NDP H . -2.87 15.03 13.25
N1N NDP H . -2.25 15.60 12.05
C2N NDP H . -1.73 16.87 12.01
C3N NDP H . -1.22 17.43 10.84
C7N NDP H . -0.66 18.82 10.83
O7N NDP H . 0.25 19.20 9.82
N7N NDP H . -1.04 19.67 11.79
C4N NDP H . -1.22 16.66 9.53
C5N NDP H . -1.81 15.30 9.70
C6N NDP H . -2.30 14.84 10.92
P2B NDP H . -3.67 19.28 25.18
O1X NDP H . -4.50 20.33 25.87
O2X NDP H . -3.85 17.92 25.83
O3X NDP H . -2.21 19.69 25.16
#